data_7M8S
#
_entry.id   7M8S
#
_cell.length_a   64.601
_cell.length_b   86.686
_cell.length_c   163.207
_cell.angle_alpha   90.000
_cell.angle_beta   90.000
_cell.angle_gamma   90.000
#
_symmetry.space_group_name_H-M   'P 21 21 21'
#
loop_
_entity.id
_entity.type
_entity.pdbx_description
1 polymer 'HLA class I histocompatibility antigen, A alpha chain'
2 polymer Beta-2-microglobulin
3 polymer 'Spike protein S1 peptide'
4 non-polymer GLYCEROL
5 water water
#
loop_
_entity_poly.entity_id
_entity_poly.type
_entity_poly.pdbx_seq_one_letter_code
_entity_poly.pdbx_strand_id
1 'polypeptide(L)'
;GSHSMRYFFTSVSRPGRGEPRFIAVGYVDDTQFVRFDSDAASQRMEPRAPWIEQEGPEYWDGETRKVKAHSQTHRVDLGT
LRGYYNQSEAGSHTVQRMYGCDVGSDWRFLRGYHQYAYDGKDYIALKEDLRSWTAADMAAQTTKHKWEAAHVAEQLRAYL
EGTCVEWLRRYLENGKETLQRTDAPKTHMTHHAVSDHEATLRCWALSFYPAEITLTWQRDGEDQTQDTELVETRPAGDGT
FQKWAAVVVPSGQEQRYTCHVQHEGLPKPLTLRWEP
;
A,D
2 'polypeptide(L)'
;MIQRTPKIQVYSRHPAENGKSNFLNCYVSGFHPSDIEVDLLKNGERIEKVEHSDLSFSKDWSFYLLYYTEFTPTEKDEYA
CRVNHVTLSQPKIVKWDRDM
;
B,E
3 'polypeptide(L)' KLNDLCFTNV C,F
#
# COMPACT_ATOMS: atom_id res chain seq x y z
N GLY A 1 -10.39 13.61 0.58
CA GLY A 1 -9.57 12.65 -0.15
C GLY A 1 -8.15 12.52 0.38
N SER A 2 -7.36 11.65 -0.24
CA SER A 2 -5.98 11.46 0.18
C SER A 2 -5.07 12.52 -0.46
N HIS A 3 -4.07 13.06 0.26
CA HIS A 3 -3.19 14.09 -0.31
C HIS A 3 -1.70 13.78 -0.16
N SER A 4 -0.86 14.41 -0.99
CA SER A 4 0.59 14.22 -0.89
C SER A 4 1.36 15.49 -1.21
N MET A 5 2.58 15.59 -0.69
CA MET A 5 3.52 16.63 -1.03
C MET A 5 4.76 15.85 -1.45
N ARG A 6 5.30 16.12 -2.64
CA ARG A 6 6.49 15.42 -3.11
C ARG A 6 7.45 16.38 -3.74
N TYR A 7 8.75 16.22 -3.47
CA TYR A 7 9.78 16.96 -4.15
C TYR A 7 10.53 15.98 -5.05
N PHE A 8 10.90 16.45 -6.26
CA PHE A 8 11.63 15.67 -7.27
C PHE A 8 12.89 16.43 -7.67
N PHE A 9 14.06 15.79 -7.65
CA PHE A 9 15.31 16.46 -8.03
C PHE A 9 16.04 15.62 -9.04
N THR A 10 16.57 16.25 -10.10
CA THR A 10 17.35 15.57 -11.14
C THR A 10 18.63 16.34 -11.39
N SER A 11 19.80 15.67 -11.35
CA SER A 11 21.09 16.27 -11.71
C SER A 11 21.67 15.42 -12.82
N VAL A 12 22.07 16.06 -13.91
CA VAL A 12 22.64 15.39 -15.08
C VAL A 12 24.06 15.95 -15.29
N SER A 13 25.08 15.09 -15.20
CA SER A 13 26.44 15.57 -15.41
C SER A 13 26.67 15.85 -16.92
N ARG A 14 27.45 16.88 -17.23
CA ARG A 14 27.85 17.21 -18.62
C ARG A 14 29.37 17.48 -18.60
N PRO A 15 30.19 16.41 -18.51
CA PRO A 15 31.63 16.61 -18.34
C PRO A 15 32.28 17.38 -19.47
N GLY A 16 33.16 18.29 -19.09
CA GLY A 16 33.83 19.14 -20.05
C GLY A 16 33.09 20.45 -20.27
N ARG A 17 31.75 20.43 -20.17
CA ARG A 17 30.97 21.65 -20.40
C ARG A 17 30.43 22.27 -19.13
N GLY A 18 31.16 22.12 -18.04
CA GLY A 18 30.76 22.71 -16.76
C GLY A 18 30.04 21.79 -15.80
N GLU A 19 29.47 22.41 -14.77
CA GLU A 19 28.79 21.80 -13.64
C GLU A 19 27.45 21.15 -14.00
N PRO A 20 27.02 20.08 -13.29
CA PRO A 20 25.75 19.42 -13.65
C PRO A 20 24.52 20.31 -13.70
N ARG A 21 23.61 20.01 -14.61
CA ARG A 21 22.35 20.72 -14.72
C ARG A 21 21.43 20.16 -13.61
N PHE A 22 21.05 20.98 -12.63
CA PHE A 22 20.14 20.58 -11.55
C PHE A 22 18.73 21.17 -11.69
N ILE A 23 17.69 20.31 -11.59
CA ILE A 23 16.29 20.71 -11.66
C ILE A 23 15.47 20.17 -10.49
N ALA A 24 14.86 21.07 -9.69
CA ALA A 24 14.05 20.66 -8.57
C ALA A 24 12.62 21.13 -8.78
N VAL A 25 11.63 20.25 -8.57
CA VAL A 25 10.21 20.62 -8.68
C VAL A 25 9.48 20.12 -7.42
N GLY A 26 8.48 20.88 -6.97
CA GLY A 26 7.72 20.50 -5.81
C GLY A 26 6.27 20.35 -6.19
N TYR A 27 5.59 19.34 -5.65
CA TYR A 27 4.19 19.10 -5.96
C TYR A 27 3.33 18.92 -4.74
N VAL A 28 2.09 19.37 -4.83
CA VAL A 28 1.06 19.06 -3.84
C VAL A 28 0.06 18.34 -4.72
N ASP A 29 -0.05 17.03 -4.53
CA ASP A 29 -0.88 16.15 -5.37
C ASP A 29 -0.37 16.21 -6.83
N ASP A 30 -1.23 16.45 -7.83
CA ASP A 30 -0.78 16.56 -9.22
C ASP A 30 -0.51 18.03 -9.64
N THR A 31 -0.38 18.96 -8.68
CA THR A 31 -0.15 20.37 -8.96
C THR A 31 1.26 20.82 -8.55
N GLN A 32 2.04 21.32 -9.49
CA GLN A 32 3.39 21.82 -9.20
C GLN A 32 3.28 23.20 -8.52
N PHE A 33 4.09 23.48 -7.49
CA PHE A 33 4.03 24.75 -6.81
C PHE A 33 5.36 25.45 -6.71
N VAL A 34 6.48 24.75 -6.85
CA VAL A 34 7.81 25.39 -6.81
C VAL A 34 8.74 24.79 -7.88
N ARG A 35 9.84 25.50 -8.18
CA ARG A 35 10.78 25.06 -9.15
C ARG A 35 12.11 25.77 -8.95
N PHE A 36 13.16 25.06 -9.30
CA PHE A 36 14.49 25.57 -9.32
C PHE A 36 15.19 24.99 -10.55
N ASP A 37 15.88 25.85 -11.29
CA ASP A 37 16.68 25.45 -12.45
C ASP A 37 18.10 26.05 -12.31
N SER A 38 19.15 25.24 -12.23
CA SER A 38 20.52 25.74 -12.10
C SER A 38 20.97 26.60 -13.29
N ASP A 39 20.34 26.43 -14.47
CA ASP A 39 20.67 27.21 -15.67
C ASP A 39 19.81 28.47 -15.83
N ALA A 40 18.74 28.63 -15.05
CA ALA A 40 17.91 29.83 -15.16
C ALA A 40 18.63 31.05 -14.52
N ALA A 41 18.18 32.26 -14.83
CA ALA A 41 18.86 33.49 -14.37
C ALA A 41 18.65 33.87 -12.91
N SER A 42 17.47 33.59 -12.32
CA SER A 42 17.21 34.04 -10.95
C SER A 42 18.09 33.43 -9.89
N GLN A 43 18.47 32.15 -10.05
CA GLN A 43 19.19 31.41 -9.02
C GLN A 43 18.35 31.34 -7.72
N ARG A 44 17.02 31.43 -7.84
CA ARG A 44 16.08 31.37 -6.73
C ARG A 44 15.08 30.23 -6.94
N MET A 45 14.49 29.77 -5.83
CA MET A 45 13.35 28.89 -5.90
C MET A 45 12.18 29.84 -6.29
N GLU A 46 11.42 29.46 -7.30
CA GLU A 46 10.38 30.30 -7.84
C GLU A 46 8.99 29.68 -7.64
N PRO A 47 7.96 30.54 -7.49
CA PRO A 47 6.58 30.01 -7.40
C PRO A 47 6.07 29.52 -8.75
N ARG A 48 5.14 28.56 -8.70
CA ARG A 48 4.51 27.91 -9.85
C ARG A 48 2.99 27.64 -9.67
N ALA A 49 2.45 28.01 -8.52
CA ALA A 49 1.03 27.90 -8.17
C ALA A 49 0.66 29.24 -7.48
N PRO A 50 -0.53 29.82 -7.72
CA PRO A 50 -0.83 31.13 -7.13
C PRO A 50 -0.92 31.13 -5.62
N TRP A 51 -1.27 29.98 -5.01
CA TRP A 51 -1.44 29.85 -3.56
C TRP A 51 -0.13 29.84 -2.76
N ILE A 52 1.01 29.67 -3.42
CA ILE A 52 2.31 29.72 -2.74
C ILE A 52 2.90 31.15 -2.77
N GLU A 53 2.53 31.98 -3.76
CA GLU A 53 2.99 33.37 -3.92
C GLU A 53 2.89 34.25 -2.66
N GLN A 54 1.86 34.01 -1.83
CA GLN A 54 1.61 34.72 -0.57
C GLN A 54 2.68 34.47 0.52
N GLU A 55 3.64 33.55 0.29
CA GLU A 55 4.68 33.29 1.29
C GLU A 55 5.71 34.40 1.16
N GLY A 56 6.14 34.95 2.30
CA GLY A 56 7.10 36.05 2.33
C GLY A 56 8.52 35.74 1.88
N PRO A 57 9.36 36.79 1.87
CA PRO A 57 10.76 36.63 1.41
C PRO A 57 11.60 35.64 2.21
N GLU A 58 11.36 35.51 3.50
CA GLU A 58 12.10 34.59 4.35
C GLU A 58 11.89 33.13 3.93
N TYR A 59 10.65 32.81 3.48
CA TYR A 59 10.29 31.49 2.98
C TYR A 59 11.14 31.20 1.72
N TRP A 60 11.16 32.15 0.77
CA TRP A 60 11.89 31.99 -0.48
C TRP A 60 13.39 31.92 -0.28
N ASP A 61 13.92 32.65 0.73
CA ASP A 61 15.33 32.65 1.05
C ASP A 61 15.75 31.28 1.54
N GLY A 62 14.93 30.71 2.44
CA GLY A 62 15.17 29.40 3.02
C GLY A 62 15.07 28.30 1.98
N GLU A 63 14.05 28.36 1.12
CA GLU A 63 13.88 27.38 0.05
C GLU A 63 15.03 27.42 -0.95
N THR A 64 15.50 28.62 -1.31
CA THR A 64 16.65 28.81 -2.21
C THR A 64 17.93 28.26 -1.56
N ARG A 65 18.14 28.53 -0.25
CA ARG A 65 19.31 28.02 0.47
C ARG A 65 19.34 26.48 0.52
N LYS A 66 18.21 25.84 0.88
CA LYS A 66 18.13 24.39 0.98
C LYS A 66 18.21 23.72 -0.39
N VAL A 67 17.62 24.32 -1.42
CA VAL A 67 17.63 23.74 -2.75
C VAL A 67 19.06 23.77 -3.39
N LYS A 68 19.86 24.84 -3.15
CA LYS A 68 21.25 24.93 -3.64
C LYS A 68 22.14 23.94 -2.93
N ALA A 69 21.88 23.67 -1.65
CA ALA A 69 22.59 22.70 -0.85
C ALA A 69 22.25 21.30 -1.34
N HIS A 70 20.99 21.02 -1.72
CA HIS A 70 20.55 19.73 -2.28
C HIS A 70 21.34 19.50 -3.57
N SER A 71 21.48 20.53 -4.43
CA SER A 71 22.21 20.45 -5.68
C SER A 71 23.68 20.14 -5.52
N GLN A 72 24.33 20.68 -4.47
CA GLN A 72 25.76 20.47 -4.20
C GLN A 72 26.03 19.05 -3.81
N THR A 73 25.15 18.46 -3.00
CA THR A 73 25.23 17.06 -2.58
C THR A 73 25.21 16.13 -3.81
N HIS A 74 24.28 16.39 -4.73
CA HIS A 74 24.14 15.62 -5.96
C HIS A 74 25.34 15.77 -6.91
N ARG A 75 25.98 16.93 -6.91
CA ARG A 75 27.15 17.22 -7.71
C ARG A 75 28.30 16.31 -7.27
N VAL A 76 28.48 16.14 -5.93
CA VAL A 76 29.50 15.29 -5.34
C VAL A 76 29.12 13.81 -5.54
N ASP A 77 27.84 13.48 -5.34
CA ASP A 77 27.34 12.14 -5.58
C ASP A 77 27.60 11.64 -7.01
N LEU A 78 27.40 12.50 -8.00
CA LEU A 78 27.70 12.11 -9.41
C LEU A 78 29.15 11.61 -9.59
N GLY A 79 30.10 12.29 -8.96
CA GLY A 79 31.50 11.92 -9.06
C GLY A 79 31.80 10.61 -8.36
N THR A 80 31.16 10.39 -7.21
CA THR A 80 31.34 9.19 -6.41
C THR A 80 30.78 7.97 -7.13
N LEU A 81 29.55 8.04 -7.59
CA LEU A 81 28.87 6.97 -8.29
C LEU A 81 29.60 6.56 -9.54
N ARG A 82 30.26 7.48 -10.23
CA ARG A 82 31.05 7.17 -11.41
C ARG A 82 32.22 6.23 -10.99
N GLY A 83 32.85 6.54 -9.85
CA GLY A 83 33.89 5.69 -9.27
C GLY A 83 33.34 4.36 -8.83
N TYR A 84 32.19 4.32 -8.13
CA TYR A 84 31.60 3.05 -7.68
C TYR A 84 31.37 2.07 -8.82
N TYR A 85 31.03 2.59 -9.98
CA TYR A 85 30.74 1.74 -11.12
C TYR A 85 31.85 1.67 -12.17
N ASN A 86 33.06 2.17 -11.86
CA ASN A 86 34.22 2.22 -12.78
C ASN A 86 33.81 2.75 -14.15
N GLN A 87 33.17 3.90 -14.14
CA GLN A 87 32.67 4.52 -15.35
C GLN A 87 33.59 5.60 -15.84
N SER A 88 33.55 5.83 -17.13
CA SER A 88 34.38 6.83 -17.78
C SER A 88 34.03 8.24 -17.27
N GLU A 89 35.06 9.07 -17.25
CA GLU A 89 35.00 10.45 -16.83
C GLU A 89 34.28 11.35 -17.85
N ALA A 90 34.18 10.92 -19.11
CA ALA A 90 33.58 11.76 -20.14
C ALA A 90 32.08 11.62 -20.28
N GLY A 91 31.54 10.49 -19.89
CA GLY A 91 30.10 10.23 -20.01
C GLY A 91 29.19 11.08 -19.14
N SER A 92 27.96 11.23 -19.59
CA SER A 92 26.94 11.96 -18.88
C SER A 92 26.11 10.97 -18.06
N HIS A 93 25.89 11.26 -16.76
CA HIS A 93 25.11 10.41 -15.85
C HIS A 93 24.07 11.18 -15.08
N THR A 94 23.08 10.51 -14.52
CA THR A 94 21.97 11.13 -13.83
C THR A 94 21.78 10.60 -12.42
N VAL A 95 21.56 11.48 -11.45
CA VAL A 95 21.12 11.11 -10.10
C VAL A 95 19.70 11.70 -9.98
N GLN A 96 18.81 10.95 -9.37
CA GLN A 96 17.45 11.43 -9.13
C GLN A 96 17.13 11.18 -7.67
N ARG A 97 16.43 12.12 -7.06
CA ARG A 97 15.98 11.96 -5.69
C ARG A 97 14.51 12.37 -5.60
N MET A 98 13.73 11.65 -4.79
CA MET A 98 12.32 11.95 -4.56
C MET A 98 12.07 11.80 -3.03
N TYR A 99 11.35 12.73 -2.45
CA TYR A 99 10.98 12.65 -1.04
C TYR A 99 9.67 13.41 -0.79
N GLY A 100 8.96 13.03 0.26
CA GLY A 100 7.68 13.65 0.58
C GLY A 100 6.84 12.82 1.51
N CYS A 101 5.61 13.24 1.69
CA CYS A 101 4.72 12.60 2.63
C CYS A 101 3.31 12.54 2.11
N ASP A 102 2.53 11.61 2.65
CA ASP A 102 1.11 11.49 2.32
C ASP A 102 0.25 11.69 3.55
N VAL A 103 -0.95 12.20 3.36
CA VAL A 103 -1.96 12.23 4.40
C VAL A 103 -3.20 11.54 3.86
N GLY A 104 -3.96 10.90 4.73
CA GLY A 104 -5.22 10.29 4.32
C GLY A 104 -6.32 11.34 4.32
N SER A 105 -7.59 10.93 4.04
CA SER A 105 -8.71 11.89 4.07
C SER A 105 -8.95 12.47 5.48
N ASP A 106 -8.47 11.78 6.53
CA ASP A 106 -8.59 12.28 7.90
C ASP A 106 -7.48 13.31 8.25
N TRP A 107 -6.58 13.61 7.28
CA TRP A 107 -5.43 14.51 7.36
C TRP A 107 -4.32 14.02 8.28
N ARG A 108 -4.38 12.77 8.74
CA ARG A 108 -3.32 12.18 9.55
C ARG A 108 -2.26 11.60 8.61
N PHE A 109 -0.99 11.57 9.06
CA PHE A 109 0.15 11.04 8.33
C PHE A 109 -0.11 9.61 7.90
N LEU A 110 0.16 9.31 6.65
CA LEU A 110 -0.04 7.97 6.11
C LEU A 110 1.33 7.35 5.76
N ARG A 111 2.14 8.07 4.96
CA ARG A 111 3.39 7.52 4.48
C ARG A 111 4.43 8.59 4.26
N GLY A 112 5.68 8.23 4.48
CA GLY A 112 6.84 9.06 4.20
C GLY A 112 7.68 8.37 3.13
N TYR A 113 8.38 9.16 2.30
CA TYR A 113 9.24 8.68 1.23
C TYR A 113 10.56 9.42 1.22
N HIS A 114 11.62 8.71 0.82
CA HIS A 114 12.93 9.27 0.56
C HIS A 114 13.70 8.24 -0.25
N GLN A 115 13.76 8.41 -1.56
CA GLN A 115 14.41 7.44 -2.44
C GLN A 115 15.34 8.08 -3.49
N TYR A 116 16.30 7.27 -3.94
CA TYR A 116 17.38 7.70 -4.78
C TYR A 116 17.62 6.74 -5.96
N ALA A 117 17.94 7.30 -7.11
CA ALA A 117 18.19 6.52 -8.30
C ALA A 117 19.45 6.99 -9.01
N TYR A 118 20.17 6.03 -9.57
CA TYR A 118 21.35 6.37 -10.36
C TYR A 118 21.13 5.83 -11.75
N ASP A 119 21.21 6.73 -12.74
CA ASP A 119 20.99 6.37 -14.15
C ASP A 119 19.62 5.69 -14.38
N GLY A 120 18.55 6.25 -13.81
CA GLY A 120 17.21 5.73 -14.00
C GLY A 120 16.86 4.45 -13.27
N LYS A 121 17.82 3.86 -12.52
CA LYS A 121 17.56 2.63 -11.76
C LYS A 121 17.62 2.90 -10.25
N ASP A 122 16.88 2.12 -9.46
CA ASP A 122 16.88 2.21 -8.01
C ASP A 122 18.29 2.09 -7.45
N TYR A 123 18.59 2.90 -6.45
CA TYR A 123 19.88 2.87 -5.82
C TYR A 123 19.66 2.58 -4.33
N ILE A 124 19.02 3.49 -3.62
CA ILE A 124 18.73 3.32 -2.20
C ILE A 124 17.42 4.02 -1.91
N ALA A 125 16.62 3.45 -1.04
CA ALA A 125 15.33 3.99 -0.68
C ALA A 125 15.08 3.72 0.79
N LEU A 126 14.40 4.65 1.45
CA LEU A 126 14.03 4.49 2.84
C LEU A 126 12.78 3.58 2.86
N LYS A 127 12.74 2.60 3.77
CA LYS A 127 11.59 1.70 3.91
C LYS A 127 10.41 2.42 4.61
N GLU A 128 9.20 1.84 4.50
CA GLU A 128 7.99 2.42 5.09
C GLU A 128 8.08 2.65 6.61
N ASP A 129 8.90 1.83 7.31
CA ASP A 129 9.15 1.99 8.75
C ASP A 129 9.99 3.26 9.10
N LEU A 130 10.48 3.97 8.06
CA LEU A 130 11.32 5.18 8.18
C LEU A 130 12.58 4.94 9.05
N ARG A 131 13.05 3.69 9.09
CA ARG A 131 14.19 3.28 9.90
C ARG A 131 15.20 2.47 9.12
N SER A 132 14.74 1.69 8.14
CA SER A 132 15.58 0.80 7.36
C SER A 132 15.75 1.29 5.91
N TRP A 133 16.79 0.80 5.23
CA TRP A 133 17.09 1.17 3.86
C TRP A 133 17.06 -0.06 2.96
N THR A 134 16.60 0.12 1.72
CA THR A 134 16.67 -0.93 0.71
C THR A 134 17.78 -0.48 -0.27
N ALA A 135 18.91 -1.19 -0.31
CA ALA A 135 20.03 -0.93 -1.20
C ALA A 135 19.85 -1.87 -2.40
N ALA A 136 19.81 -1.33 -3.62
CA ALA A 136 19.49 -2.13 -4.79
C ALA A 136 20.59 -3.06 -5.25
N ASP A 137 21.82 -2.63 -5.15
CA ASP A 137 22.95 -3.45 -5.57
C ASP A 137 24.12 -3.37 -4.56
N MET A 138 25.27 -3.96 -4.90
CA MET A 138 26.44 -3.98 -4.06
C MET A 138 27.00 -2.59 -3.79
N ALA A 139 27.01 -1.72 -4.82
CA ALA A 139 27.49 -0.34 -4.65
C ALA A 139 26.61 0.43 -3.66
N ALA A 140 25.30 0.19 -3.69
CA ALA A 140 24.35 0.82 -2.78
C ALA A 140 24.54 0.36 -1.31
N GLN A 141 25.13 -0.81 -1.09
CA GLN A 141 25.42 -1.34 0.23
C GLN A 141 26.48 -0.48 0.91
N THR A 142 27.49 0.03 0.16
CA THR A 142 28.48 0.92 0.74
C THR A 142 27.80 2.21 1.27
N THR A 143 26.88 2.79 0.47
CA THR A 143 26.10 3.97 0.80
C THR A 143 25.20 3.62 2.00
N LYS A 144 24.57 2.45 2.01
CA LYS A 144 23.69 2.01 3.09
C LYS A 144 24.40 2.02 4.43
N HIS A 145 25.60 1.43 4.50
CA HIS A 145 26.37 1.44 5.74
C HIS A 145 26.80 2.85 6.13
N LYS A 146 27.09 3.69 5.16
CA LYS A 146 27.49 5.07 5.42
C LYS A 146 26.32 5.88 6.03
N TRP A 147 25.11 5.65 5.52
CA TRP A 147 23.94 6.35 6.00
C TRP A 147 23.42 5.77 7.35
N GLU A 148 23.78 4.52 7.68
CA GLU A 148 23.42 3.95 8.96
C GLU A 148 24.33 4.54 10.02
N ALA A 149 25.65 4.61 9.75
CA ALA A 149 26.64 5.22 10.67
C ALA A 149 26.37 6.70 10.93
N ALA A 150 25.94 7.42 9.90
CA ALA A 150 25.64 8.84 10.00
C ALA A 150 24.24 9.16 10.53
N HIS A 151 23.42 8.14 10.82
CA HIS A 151 22.07 8.22 11.34
C HIS A 151 21.17 9.12 10.52
N VAL A 152 21.21 8.91 9.19
CA VAL A 152 20.41 9.67 8.25
C VAL A 152 18.91 9.43 8.47
N ALA A 153 18.49 8.18 8.66
CA ALA A 153 17.06 7.88 8.83
C ALA A 153 16.40 8.62 10.00
N GLU A 154 17.08 8.70 11.14
CA GLU A 154 16.57 9.42 12.31
C GLU A 154 16.26 10.88 11.98
N GLN A 155 17.12 11.51 11.17
CA GLN A 155 16.93 12.90 10.76
C GLN A 155 15.83 13.05 9.72
N LEU A 156 15.75 12.16 8.74
CA LEU A 156 14.71 12.21 7.71
C LEU A 156 13.33 11.99 8.29
N ARG A 157 13.20 11.03 9.25
CA ARG A 157 11.93 10.67 9.90
C ARG A 157 11.32 11.85 10.65
N ALA A 158 12.12 12.68 11.32
CA ALA A 158 11.60 13.84 12.01
C ALA A 158 10.97 14.81 10.98
N TYR A 159 11.60 14.94 9.78
CA TYR A 159 11.06 15.78 8.71
C TYR A 159 9.77 15.18 8.13
N LEU A 160 9.81 13.90 7.69
CA LEU A 160 8.66 13.24 7.07
C LEU A 160 7.44 13.14 7.96
N GLU A 161 7.61 12.74 9.23
CA GLU A 161 6.48 12.60 10.15
C GLU A 161 5.99 13.90 10.79
N GLY A 162 6.71 15.00 10.59
CA GLY A 162 6.33 16.27 11.22
C GLY A 162 6.28 17.45 10.28
N THR A 163 7.43 18.06 10.03
CA THR A 163 7.58 19.23 9.17
C THR A 163 6.89 19.08 7.82
N CYS A 164 7.13 17.95 7.12
CA CYS A 164 6.56 17.67 5.80
C CYS A 164 5.03 17.68 5.86
N VAL A 165 4.49 17.00 6.84
CA VAL A 165 3.05 16.86 7.02
C VAL A 165 2.39 18.18 7.45
N GLU A 166 3.02 18.99 8.33
CA GLU A 166 2.46 20.27 8.75
C GLU A 166 2.38 21.26 7.61
N TRP A 167 3.41 21.27 6.76
CA TRP A 167 3.44 22.20 5.64
C TRP A 167 2.50 21.75 4.55
N LEU A 168 2.36 20.45 4.32
CA LEU A 168 1.36 19.93 3.38
C LEU A 168 -0.07 20.36 3.83
N ARG A 169 -0.42 20.22 5.15
CA ARG A 169 -1.76 20.65 5.65
C ARG A 169 -1.99 22.15 5.44
N ARG A 170 -0.97 22.96 5.68
CA ARG A 170 -1.02 24.40 5.45
C ARG A 170 -1.20 24.73 3.95
N TYR A 171 -0.49 24.01 3.03
CA TYR A 171 -0.65 24.24 1.57
C TYR A 171 -2.06 23.84 1.15
N LEU A 172 -2.57 22.69 1.62
CA LEU A 172 -3.94 22.27 1.31
C LEU A 172 -4.97 23.34 1.73
N GLU A 173 -4.75 24.02 2.88
CA GLU A 173 -5.63 25.09 3.32
C GLU A 173 -5.45 26.34 2.46
N ASN A 174 -4.23 26.83 2.29
CA ASN A 174 -3.99 28.02 1.46
C ASN A 174 -4.47 27.86 0.02
N GLY A 175 -4.41 26.66 -0.51
CA GLY A 175 -4.84 26.41 -1.87
C GLY A 175 -6.13 25.62 -1.99
N LYS A 176 -6.96 25.63 -0.92
CA LYS A 176 -8.19 24.86 -0.83
C LYS A 176 -9.12 24.89 -2.06
N GLU A 177 -9.27 26.03 -2.75
CA GLU A 177 -10.20 26.09 -3.88
C GLU A 177 -9.76 25.31 -5.11
N THR A 178 -8.45 25.05 -5.25
CA THR A 178 -7.94 24.25 -6.36
C THR A 178 -7.52 22.86 -5.87
N LEU A 179 -6.76 22.78 -4.79
CA LEU A 179 -6.22 21.52 -4.25
C LEU A 179 -7.27 20.57 -3.62
N GLN A 180 -8.36 21.13 -3.08
CA GLN A 180 -9.39 20.30 -2.46
C GLN A 180 -10.66 20.17 -3.29
N ARG A 181 -10.60 20.45 -4.60
CA ARG A 181 -11.76 20.31 -5.47
C ARG A 181 -11.77 18.92 -6.16
N THR A 182 -12.89 18.57 -6.81
CA THR A 182 -13.01 17.37 -7.63
C THR A 182 -13.78 17.78 -8.86
N ASP A 183 -13.15 17.65 -10.03
CA ASP A 183 -13.81 17.94 -11.29
C ASP A 183 -14.15 16.56 -11.86
N ALA A 184 -15.43 16.25 -11.95
CA ALA A 184 -15.88 14.98 -12.47
C ALA A 184 -15.60 14.94 -13.97
N PRO A 185 -15.16 13.78 -14.49
CA PRO A 185 -14.87 13.70 -15.92
C PRO A 185 -16.09 13.92 -16.79
N LYS A 186 -15.87 14.53 -17.93
CA LYS A 186 -16.88 14.76 -18.94
C LYS A 186 -16.63 13.65 -19.95
N THR A 187 -17.62 12.76 -20.13
CA THR A 187 -17.42 11.61 -20.99
C THR A 187 -18.18 11.67 -22.29
N HIS A 188 -17.64 10.97 -23.29
CA HIS A 188 -18.24 10.76 -24.60
C HIS A 188 -17.58 9.53 -25.26
N MET A 189 -18.18 9.07 -26.34
CA MET A 189 -17.71 7.90 -27.05
C MET A 189 -17.69 8.18 -28.55
N THR A 190 -16.66 7.72 -29.23
CA THR A 190 -16.57 7.82 -30.68
C THR A 190 -16.61 6.39 -31.30
N HIS A 191 -17.01 6.30 -32.57
CA HIS A 191 -17.17 5.04 -33.31
C HIS A 191 -16.60 5.19 -34.69
N HIS A 192 -15.68 4.32 -35.08
CA HIS A 192 -15.08 4.38 -36.40
C HIS A 192 -14.98 3.00 -37.06
N ALA A 193 -15.57 2.84 -38.26
CA ALA A 193 -15.48 1.56 -38.99
C ALA A 193 -14.04 1.29 -39.43
N VAL A 194 -13.57 0.03 -39.28
CA VAL A 194 -12.24 -0.44 -39.66
C VAL A 194 -12.31 -1.63 -40.69
N SER A 195 -13.52 -2.11 -41.00
CA SER A 195 -13.80 -3.14 -42.00
C SER A 195 -15.34 -3.15 -42.25
N ASP A 196 -15.85 -4.09 -43.09
CA ASP A 196 -17.32 -4.21 -43.22
C ASP A 196 -17.95 -4.96 -42.00
N HIS A 197 -17.10 -5.57 -41.16
CA HIS A 197 -17.57 -6.30 -39.99
C HIS A 197 -17.05 -5.74 -38.67
N GLU A 198 -16.23 -4.65 -38.66
CA GLU A 198 -15.67 -4.19 -37.39
C GLU A 198 -15.55 -2.69 -37.23
N ALA A 199 -15.67 -2.23 -35.98
CA ALA A 199 -15.60 -0.84 -35.63
C ALA A 199 -14.85 -0.66 -34.29
N THR A 200 -14.17 0.47 -34.14
CA THR A 200 -13.50 0.85 -32.92
C THR A 200 -14.47 1.72 -32.10
N LEU A 201 -14.58 1.45 -30.78
CA LEU A 201 -15.35 2.26 -29.85
C LEU A 201 -14.32 2.88 -28.91
N ARG A 202 -14.26 4.19 -28.86
CA ARG A 202 -13.32 4.88 -27.97
C ARG A 202 -14.11 5.65 -26.95
N CYS A 203 -13.90 5.35 -25.69
CA CYS A 203 -14.53 5.95 -24.54
C CYS A 203 -13.56 6.99 -24.02
N TRP A 204 -14.06 8.22 -23.84
CA TRP A 204 -13.27 9.35 -23.44
C TRP A 204 -13.58 9.88 -22.07
N ALA A 205 -12.54 10.36 -21.37
CA ALA A 205 -12.71 11.02 -20.08
C ALA A 205 -11.92 12.34 -20.16
N LEU A 206 -12.60 13.49 -19.97
CA LEU A 206 -11.93 14.79 -20.07
C LEU A 206 -12.27 15.76 -18.95
N SER A 207 -11.39 16.74 -18.67
CA SER A 207 -11.58 17.79 -17.65
C SER A 207 -11.78 17.27 -16.25
N PHE A 208 -11.03 16.22 -15.90
CA PHE A 208 -11.10 15.68 -14.56
C PHE A 208 -9.90 16.06 -13.73
N TYR A 209 -10.11 16.18 -12.44
CA TYR A 209 -9.10 16.47 -11.45
C TYR A 209 -9.59 15.83 -10.16
N PRO A 210 -8.75 15.07 -9.45
CA PRO A 210 -7.36 14.72 -9.78
C PRO A 210 -7.22 13.71 -10.92
N ALA A 211 -5.96 13.37 -11.27
CA ALA A 211 -5.64 12.43 -12.35
C ALA A 211 -6.08 11.00 -12.09
N GLU A 212 -6.19 10.56 -10.81
CA GLU A 212 -6.62 9.18 -10.53
C GLU A 212 -7.99 8.87 -11.12
N ILE A 213 -8.01 7.87 -12.03
CA ILE A 213 -9.20 7.40 -12.74
C ILE A 213 -9.05 5.94 -13.20
N THR A 214 -10.18 5.24 -13.36
CA THR A 214 -10.24 3.89 -13.92
C THR A 214 -11.22 3.95 -15.11
N LEU A 215 -10.78 3.57 -16.30
CA LEU A 215 -11.58 3.56 -17.53
C LEU A 215 -11.47 2.13 -18.02
N THR A 216 -12.55 1.36 -18.05
CA THR A 216 -12.46 -0.04 -18.49
C THR A 216 -13.62 -0.45 -19.39
N TRP A 217 -13.46 -1.53 -20.16
CA TRP A 217 -14.51 -2.04 -21.03
C TRP A 217 -14.91 -3.44 -20.63
N GLN A 218 -16.21 -3.74 -20.77
CA GLN A 218 -16.74 -5.08 -20.60
C GLN A 218 -17.56 -5.49 -21.84
N ARG A 219 -17.65 -6.79 -22.10
CA ARG A 219 -18.51 -7.34 -23.14
C ARG A 219 -19.35 -8.37 -22.40
N ASP A 220 -20.66 -8.12 -22.31
CA ASP A 220 -21.61 -8.98 -21.57
C ASP A 220 -21.17 -9.23 -20.12
N GLY A 221 -20.60 -8.21 -19.45
CA GLY A 221 -20.13 -8.32 -18.07
C GLY A 221 -18.77 -8.99 -17.91
N GLU A 222 -18.01 -9.11 -18.99
CA GLU A 222 -16.70 -9.74 -18.96
C GLU A 222 -15.61 -8.71 -19.27
N ASP A 223 -14.57 -8.64 -18.46
CA ASP A 223 -13.50 -7.66 -18.63
C ASP A 223 -12.76 -7.87 -19.96
N GLN A 224 -12.41 -6.76 -20.65
CA GLN A 224 -11.71 -6.80 -21.93
C GLN A 224 -10.28 -6.31 -21.80
N THR A 225 -9.62 -6.60 -20.68
CA THR A 225 -8.26 -6.16 -20.36
C THR A 225 -7.26 -6.43 -21.50
N GLN A 226 -7.33 -7.60 -22.14
CA GLN A 226 -6.41 -7.90 -23.24
C GLN A 226 -6.74 -7.13 -24.53
N ASP A 227 -8.02 -7.04 -24.88
CA ASP A 227 -8.43 -6.36 -26.10
C ASP A 227 -8.64 -4.87 -25.98
N THR A 228 -8.13 -4.24 -24.93
CA THR A 228 -8.34 -2.82 -24.70
C THR A 228 -7.08 -2.00 -24.97
N GLU A 229 -7.21 -0.98 -25.82
CA GLU A 229 -6.13 -0.05 -26.05
C GLU A 229 -6.38 1.11 -25.09
N LEU A 230 -5.43 1.40 -24.27
CA LEU A 230 -5.54 2.41 -23.25
C LEU A 230 -4.39 3.38 -23.36
N VAL A 231 -4.65 4.67 -23.21
CA VAL A 231 -3.57 5.64 -23.17
C VAL A 231 -3.26 6.04 -21.75
N GLU A 232 -2.03 6.45 -21.52
CA GLU A 232 -1.62 6.95 -20.22
C GLU A 232 -2.37 8.30 -19.94
N THR A 233 -2.79 8.55 -18.68
CA THR A 233 -3.46 9.80 -18.30
C THR A 233 -2.54 10.98 -18.60
N ARG A 234 -3.08 11.94 -19.34
CA ARG A 234 -2.32 13.07 -19.83
C ARG A 234 -2.85 14.38 -19.33
N PRO A 235 -1.97 15.36 -19.13
CA PRO A 235 -2.45 16.68 -18.64
C PRO A 235 -3.04 17.52 -19.77
N ALA A 236 -4.20 18.14 -19.54
CA ALA A 236 -4.79 19.04 -20.53
C ALA A 236 -3.94 20.34 -20.70
N GLY A 237 -3.21 20.70 -19.66
CA GLY A 237 -2.38 21.89 -19.60
C GLY A 237 -3.02 23.03 -18.82
N ASP A 238 -4.28 22.83 -18.38
CA ASP A 238 -5.04 23.80 -17.59
C ASP A 238 -5.33 23.28 -16.17
N GLY A 239 -4.55 22.32 -15.68
CA GLY A 239 -4.80 21.75 -14.36
C GLY A 239 -5.81 20.62 -14.34
N THR A 240 -6.23 20.13 -15.53
CA THR A 240 -7.15 18.99 -15.59
C THR A 240 -6.43 17.85 -16.37
N PHE A 241 -7.09 16.67 -16.47
CA PHE A 241 -6.52 15.49 -17.08
C PHE A 241 -7.46 14.84 -18.11
N GLN A 242 -6.88 14.00 -18.97
CA GLN A 242 -7.57 13.34 -20.04
C GLN A 242 -7.11 11.90 -20.12
N LYS A 243 -8.00 11.05 -20.64
CA LYS A 243 -7.69 9.65 -20.85
C LYS A 243 -8.74 9.05 -21.78
N TRP A 244 -8.34 8.07 -22.58
CA TRP A 244 -9.29 7.33 -23.40
C TRP A 244 -8.97 5.85 -23.39
N ALA A 245 -9.99 5.04 -23.71
CA ALA A 245 -9.86 3.59 -23.81
C ALA A 245 -10.69 3.10 -25.02
N ALA A 246 -10.08 2.26 -25.86
CA ALA A 246 -10.69 1.79 -27.09
C ALA A 246 -10.76 0.28 -27.18
N VAL A 247 -11.74 -0.21 -27.93
CA VAL A 247 -11.97 -1.63 -28.11
C VAL A 247 -12.41 -1.89 -29.58
N VAL A 248 -11.99 -3.00 -30.20
CA VAL A 248 -12.42 -3.29 -31.56
C VAL A 248 -13.57 -4.28 -31.50
N VAL A 249 -14.72 -3.87 -31.95
CA VAL A 249 -15.94 -4.64 -31.82
C VAL A 249 -16.53 -5.06 -33.19
N PRO A 250 -17.34 -6.12 -33.22
CA PRO A 250 -18.00 -6.48 -34.48
C PRO A 250 -19.16 -5.53 -34.72
N SER A 251 -19.31 -4.95 -35.93
CA SER A 251 -20.43 -4.03 -36.19
C SER A 251 -21.75 -4.77 -36.04
N GLY A 252 -22.69 -4.18 -35.31
CA GLY A 252 -23.95 -4.81 -34.94
C GLY A 252 -23.95 -5.27 -33.49
N GLN A 253 -22.77 -5.54 -32.92
CA GLN A 253 -22.65 -5.99 -31.53
C GLN A 253 -22.18 -4.85 -30.58
N GLU A 254 -22.28 -3.58 -31.01
CA GLU A 254 -21.86 -2.41 -30.23
C GLU A 254 -22.55 -2.33 -28.87
N GLN A 255 -23.83 -2.72 -28.78
CA GLN A 255 -24.56 -2.63 -27.51
C GLN A 255 -24.15 -3.68 -26.46
N ARG A 256 -23.39 -4.70 -26.85
CA ARG A 256 -22.90 -5.68 -25.89
C ARG A 256 -21.71 -5.15 -25.03
N TYR A 257 -21.12 -4.03 -25.45
CA TYR A 257 -19.96 -3.44 -24.79
C TYR A 257 -20.29 -2.23 -23.90
N THR A 258 -19.74 -2.20 -22.70
CA THR A 258 -19.95 -1.08 -21.80
C THR A 258 -18.63 -0.54 -21.35
N CYS A 259 -18.52 0.77 -21.30
CA CYS A 259 -17.34 1.43 -20.79
C CYS A 259 -17.66 1.83 -19.35
N HIS A 260 -16.76 1.53 -18.44
CA HIS A 260 -16.94 1.86 -17.02
C HIS A 260 -15.96 2.95 -16.56
N VAL A 261 -16.49 4.08 -16.07
CA VAL A 261 -15.68 5.20 -15.58
C VAL A 261 -15.76 5.34 -14.05
N GLN A 262 -14.59 5.27 -13.36
CA GLN A 262 -14.48 5.45 -11.90
C GLN A 262 -13.58 6.65 -11.51
N HIS A 263 -14.17 7.61 -10.75
CA HIS A 263 -13.51 8.85 -10.30
C HIS A 263 -14.16 9.39 -9.02
N GLU A 264 -13.40 10.10 -8.17
CA GLU A 264 -13.90 10.74 -6.93
C GLU A 264 -15.07 11.68 -7.19
N GLY A 265 -15.04 12.38 -8.33
CA GLY A 265 -16.09 13.31 -8.73
C GLY A 265 -17.39 12.63 -9.05
N LEU A 266 -17.36 11.31 -9.30
CA LEU A 266 -18.54 10.55 -9.62
C LEU A 266 -18.98 9.83 -8.38
N PRO A 267 -20.12 10.24 -7.78
CA PRO A 267 -20.62 9.53 -6.59
C PRO A 267 -20.84 8.05 -6.92
N LYS A 268 -21.48 7.80 -8.06
CA LYS A 268 -21.71 6.46 -8.55
C LYS A 268 -20.93 6.27 -9.88
N PRO A 269 -20.11 5.23 -9.99
CA PRO A 269 -19.41 4.96 -11.28
C PRO A 269 -20.34 4.96 -12.51
N LEU A 270 -19.79 5.38 -13.65
CA LEU A 270 -20.53 5.50 -14.89
C LEU A 270 -20.44 4.29 -15.83
N THR A 271 -21.57 3.91 -16.42
CA THR A 271 -21.66 2.83 -17.40
C THR A 271 -22.12 3.51 -18.69
N LEU A 272 -21.35 3.34 -19.75
CA LEU A 272 -21.65 3.98 -21.01
C LEU A 272 -21.69 2.99 -22.17
N ARG A 273 -22.74 3.11 -23.00
CA ARG A 273 -22.94 2.32 -24.21
C ARG A 273 -22.94 3.24 -25.41
N TRP A 274 -22.56 2.72 -26.57
CA TRP A 274 -22.54 3.49 -27.81
C TRP A 274 -23.91 4.07 -28.15
N GLU A 275 -23.96 5.38 -28.41
CA GLU A 275 -25.20 6.06 -28.77
C GLU A 275 -25.17 6.52 -30.25
N PRO A 276 -25.84 5.76 -31.13
CA PRO A 276 -25.86 6.11 -32.56
C PRO A 276 -26.49 7.47 -32.93
N MET B 1 23.90 2.61 -20.75
CA MET B 1 23.12 1.87 -19.75
C MET B 1 21.70 1.53 -20.29
N ILE B 2 20.71 1.20 -19.42
CA ILE B 2 19.36 0.92 -19.86
C ILE B 2 18.66 2.22 -20.28
N GLN B 3 18.26 2.30 -21.54
CA GLN B 3 17.61 3.48 -22.08
C GLN B 3 16.17 3.20 -22.40
N ARG B 4 15.29 4.16 -22.14
N ARG B 4 15.30 4.17 -22.16
CA ARG B 4 13.87 4.00 -22.40
CA ARG B 4 13.89 4.01 -22.44
C ARG B 4 13.38 4.99 -23.45
C ARG B 4 13.37 5.00 -23.46
N THR B 5 12.59 4.49 -24.41
CA THR B 5 12.04 5.30 -25.48
C THR B 5 10.88 6.16 -25.00
N PRO B 6 10.81 7.41 -25.47
CA PRO B 6 9.65 8.24 -25.12
C PRO B 6 8.32 7.72 -25.71
N LYS B 7 7.27 7.76 -24.90
CA LYS B 7 5.93 7.52 -25.38
C LYS B 7 5.46 8.91 -25.78
N ILE B 8 4.75 9.03 -26.92
CA ILE B 8 4.33 10.32 -27.41
C ILE B 8 2.84 10.46 -27.64
N GLN B 9 2.21 11.48 -27.02
CA GLN B 9 0.80 11.78 -27.26
C GLN B 9 0.64 13.22 -27.81
N VAL B 10 -0.03 13.36 -28.96
CA VAL B 10 -0.31 14.67 -29.56
C VAL B 10 -1.84 14.92 -29.44
N TYR B 11 -2.23 16.06 -28.86
CA TYR B 11 -3.65 16.33 -28.61
C TYR B 11 -3.91 17.80 -28.30
N SER B 12 -5.17 18.20 -28.16
CA SER B 12 -5.51 19.58 -27.86
C SER B 12 -6.04 19.71 -26.42
N ARG B 13 -5.89 20.90 -25.82
CA ARG B 13 -6.38 21.13 -24.45
C ARG B 13 -7.87 20.96 -24.36
N HIS B 14 -8.59 21.50 -25.36
CA HIS B 14 -10.05 21.48 -25.43
C HIS B 14 -10.49 20.76 -26.69
N PRO B 15 -11.73 20.23 -26.72
CA PRO B 15 -12.22 19.59 -27.97
C PRO B 15 -12.12 20.54 -29.16
N ALA B 16 -11.42 20.10 -30.22
CA ALA B 16 -11.12 20.91 -31.39
C ALA B 16 -12.33 21.48 -32.13
N GLU B 17 -12.23 22.73 -32.57
CA GLU B 17 -13.27 23.42 -33.33
C GLU B 17 -12.56 24.31 -34.32
N ASN B 18 -12.86 24.18 -35.62
CA ASN B 18 -12.23 25.05 -36.62
C ASN B 18 -12.60 26.51 -36.36
N GLY B 19 -11.60 27.39 -36.47
CA GLY B 19 -11.76 28.82 -36.22
C GLY B 19 -11.72 29.23 -34.75
N LYS B 20 -11.66 28.26 -33.83
CA LYS B 20 -11.64 28.56 -32.40
C LYS B 20 -10.24 28.38 -31.78
N SER B 21 -9.82 29.31 -30.92
CA SER B 21 -8.50 29.24 -30.27
C SER B 21 -8.42 28.07 -29.27
N ASN B 22 -7.25 27.44 -29.21
CA ASN B 22 -6.99 26.24 -28.41
C ASN B 22 -5.48 26.11 -28.10
N PHE B 23 -5.08 25.00 -27.49
CA PHE B 23 -3.70 24.71 -27.23
C PHE B 23 -3.39 23.33 -27.78
N LEU B 24 -2.28 23.22 -28.48
CA LEU B 24 -1.81 21.98 -29.03
C LEU B 24 -0.73 21.45 -28.06
N ASN B 25 -0.85 20.20 -27.63
CA ASN B 25 0.04 19.59 -26.64
C ASN B 25 0.80 18.43 -27.20
N CYS B 26 2.00 18.25 -26.73
CA CYS B 26 2.78 17.07 -27.02
C CYS B 26 3.35 16.57 -25.72
N TYR B 27 2.73 15.55 -25.18
CA TYR B 27 3.15 14.98 -23.93
C TYR B 27 4.10 13.79 -24.17
N VAL B 28 5.37 13.95 -23.76
CA VAL B 28 6.39 12.90 -23.84
C VAL B 28 6.60 12.35 -22.46
N SER B 29 6.66 11.03 -22.34
CA SER B 29 6.78 10.39 -21.04
C SER B 29 7.46 9.03 -21.13
N GLY B 30 7.83 8.49 -19.98
CA GLY B 30 8.46 7.18 -19.89
C GLY B 30 9.84 7.07 -20.49
N PHE B 31 10.56 8.19 -20.69
CA PHE B 31 11.87 8.13 -21.33
C PHE B 31 13.06 8.29 -20.38
N HIS B 32 14.21 7.78 -20.79
CA HIS B 32 15.48 7.88 -20.08
C HIS B 32 16.63 7.68 -21.06
N PRO B 33 17.69 8.51 -21.04
CA PRO B 33 17.91 9.70 -20.19
C PRO B 33 17.00 10.89 -20.54
N SER B 34 17.07 11.96 -19.75
CA SER B 34 16.22 13.14 -19.88
C SER B 34 16.49 14.03 -21.07
N ASP B 35 17.63 13.88 -21.75
CA ASP B 35 17.93 14.71 -22.93
C ASP B 35 16.96 14.33 -24.05
N ILE B 36 16.12 15.27 -24.48
CA ILE B 36 15.12 15.02 -25.50
C ILE B 36 14.88 16.26 -26.33
N GLU B 37 14.58 16.06 -27.62
CA GLU B 37 14.30 17.17 -28.54
C GLU B 37 12.87 17.01 -29.01
N VAL B 38 12.00 17.97 -28.69
CA VAL B 38 10.60 17.92 -29.07
C VAL B 38 10.24 19.20 -29.80
N ASP B 39 9.65 19.07 -31.01
CA ASP B 39 9.20 20.19 -31.84
C ASP B 39 7.75 19.99 -32.21
N LEU B 40 6.98 21.07 -32.22
CA LEU B 40 5.61 21.03 -32.70
C LEU B 40 5.65 21.54 -34.15
N LEU B 41 4.95 20.84 -35.09
CA LEU B 41 4.95 21.17 -36.51
C LEU B 41 3.59 21.62 -37.09
N LYS B 42 3.61 22.69 -37.90
CA LYS B 42 2.43 23.20 -38.63
C LYS B 42 2.73 23.00 -40.11
N ASN B 43 2.10 21.98 -40.72
CA ASN B 43 2.31 21.61 -42.13
C ASN B 43 3.79 21.29 -42.41
N GLY B 44 4.46 20.65 -41.44
CA GLY B 44 5.87 20.26 -41.56
C GLY B 44 6.88 21.31 -41.11
N GLU B 45 6.44 22.52 -40.81
CA GLU B 45 7.32 23.60 -40.38
C GLU B 45 7.31 23.75 -38.86
N ARG B 46 8.44 24.09 -38.27
CA ARG B 46 8.55 24.28 -36.83
C ARG B 46 7.70 25.46 -36.35
N ILE B 47 7.20 25.38 -35.13
CA ILE B 47 6.47 26.47 -34.49
C ILE B 47 7.48 27.14 -33.55
N GLU B 48 7.70 28.45 -33.68
CA GLU B 48 8.73 29.13 -32.89
C GLU B 48 8.40 29.33 -31.41
N LYS B 49 7.15 29.67 -31.07
CA LYS B 49 6.82 29.95 -29.67
C LYS B 49 6.20 28.77 -28.97
N VAL B 50 7.01 27.75 -28.66
CA VAL B 50 6.53 26.57 -27.96
C VAL B 50 7.09 26.54 -26.55
N GLU B 51 6.22 26.42 -25.56
CA GLU B 51 6.64 26.35 -24.18
C GLU B 51 6.62 24.92 -23.64
N HIS B 52 7.23 24.69 -22.47
CA HIS B 52 7.23 23.36 -21.88
C HIS B 52 7.33 23.34 -20.37
N SER B 53 6.76 22.28 -19.76
CA SER B 53 6.77 22.06 -18.34
C SER B 53 8.18 21.83 -17.82
N ASP B 54 8.36 21.97 -16.50
CA ASP B 54 9.66 21.72 -15.90
C ASP B 54 9.87 20.22 -15.78
N LEU B 55 11.09 19.77 -16.09
CA LEU B 55 11.45 18.36 -16.02
C LEU B 55 11.07 17.69 -14.69
N SER B 56 10.30 16.63 -14.81
CA SER B 56 9.89 15.84 -13.68
C SER B 56 9.90 14.35 -14.07
N PHE B 57 9.69 13.46 -13.11
CA PHE B 57 9.70 12.03 -13.37
C PHE B 57 8.64 11.28 -12.55
N SER B 58 8.35 10.03 -12.95
CA SER B 58 7.38 9.09 -12.35
C SER B 58 8.01 8.18 -11.28
N LYS B 59 7.20 7.32 -10.62
CA LYS B 59 7.66 6.37 -9.60
C LYS B 59 8.77 5.47 -10.11
N ASP B 60 8.71 5.09 -11.40
CA ASP B 60 9.72 4.24 -12.00
C ASP B 60 11.00 5.00 -12.43
N TRP B 61 11.04 6.31 -12.17
CA TRP B 61 12.14 7.22 -12.45
C TRP B 61 12.18 7.75 -13.88
N SER B 62 11.27 7.30 -14.75
CA SER B 62 11.26 7.75 -16.14
C SER B 62 10.69 9.16 -16.21
N PHE B 63 11.24 9.96 -17.11
CA PHE B 63 10.90 11.37 -17.23
C PHE B 63 9.65 11.66 -18.03
N TYR B 64 9.09 12.87 -17.83
CA TYR B 64 7.94 13.34 -18.58
C TYR B 64 8.00 14.84 -18.75
N LEU B 65 7.54 15.33 -19.92
CA LEU B 65 7.50 16.74 -20.30
C LEU B 65 6.26 17.02 -21.12
N LEU B 66 5.65 18.17 -20.90
CA LEU B 66 4.51 18.62 -21.72
C LEU B 66 4.98 19.85 -22.51
N TYR B 67 4.91 19.77 -23.84
CA TYR B 67 5.22 20.85 -24.76
C TYR B 67 3.91 21.38 -25.28
N TYR B 68 3.68 22.69 -25.19
CA TYR B 68 2.41 23.26 -25.60
C TYR B 68 2.56 24.58 -26.36
N THR B 69 1.59 24.87 -27.21
CA THR B 69 1.56 26.08 -28.03
C THR B 69 0.10 26.49 -28.33
N GLU B 70 -0.17 27.80 -28.35
CA GLU B 70 -1.50 28.33 -28.67
C GLU B 70 -1.73 28.13 -30.15
N PHE B 71 -2.95 27.73 -30.55
CA PHE B 71 -3.24 27.52 -31.96
C PHE B 71 -4.73 27.61 -32.30
N THR B 72 -5.06 27.93 -33.54
CA THR B 72 -6.44 27.98 -33.99
C THR B 72 -6.60 26.92 -35.08
N PRO B 73 -7.17 25.76 -34.76
CA PRO B 73 -7.32 24.72 -35.77
C PRO B 73 -8.20 25.13 -36.94
N THR B 74 -7.83 24.67 -38.14
CA THR B 74 -8.59 24.85 -39.38
C THR B 74 -8.69 23.47 -40.06
N GLU B 75 -9.47 23.36 -41.15
CA GLU B 75 -9.65 22.11 -41.85
C GLU B 75 -8.44 21.74 -42.73
N LYS B 76 -7.70 22.74 -43.21
CA LYS B 76 -6.57 22.56 -44.09
C LYS B 76 -5.26 22.17 -43.38
N ASP B 77 -5.01 22.76 -42.21
CA ASP B 77 -3.77 22.62 -41.47
C ASP B 77 -3.57 21.30 -40.75
N GLU B 78 -2.38 20.71 -40.94
CA GLU B 78 -1.97 19.46 -40.33
C GLU B 78 -0.97 19.74 -39.20
N TYR B 79 -1.21 19.14 -38.04
CA TYR B 79 -0.31 19.30 -36.92
C TYR B 79 0.42 18.02 -36.57
N ALA B 80 1.64 18.14 -36.09
CA ALA B 80 2.47 17.00 -35.76
C ALA B 80 3.43 17.35 -34.60
N CYS B 81 4.04 16.32 -33.98
CA CYS B 81 5.02 16.50 -32.94
C CYS B 81 6.21 15.65 -33.36
N ARG B 82 7.38 16.26 -33.48
CA ARG B 82 8.58 15.54 -33.89
C ARG B 82 9.49 15.43 -32.68
N VAL B 83 9.84 14.20 -32.30
CA VAL B 83 10.67 13.93 -31.15
C VAL B 83 11.97 13.21 -31.54
N ASN B 84 13.10 13.64 -30.95
CA ASN B 84 14.36 12.95 -31.09
C ASN B 84 14.93 12.59 -29.71
N HIS B 85 15.46 11.39 -29.59
CA HIS B 85 16.00 10.86 -28.35
C HIS B 85 17.10 9.86 -28.70
N VAL B 86 18.02 9.58 -27.77
CA VAL B 86 19.11 8.64 -28.03
C VAL B 86 18.61 7.27 -28.49
N THR B 87 17.40 6.88 -28.05
CA THR B 87 16.78 5.60 -28.41
C THR B 87 16.17 5.56 -29.81
N LEU B 88 16.09 6.71 -30.49
CA LEU B 88 15.48 6.79 -31.82
C LEU B 88 16.50 6.84 -32.97
N SER B 89 16.46 5.84 -33.89
CA SER B 89 17.37 5.79 -35.06
C SER B 89 17.23 7.04 -35.94
N GLN B 90 15.99 7.53 -36.09
CA GLN B 90 15.57 8.75 -36.81
C GLN B 90 14.51 9.45 -35.92
N PRO B 91 14.22 10.76 -36.12
CA PRO B 91 13.16 11.40 -35.31
C PRO B 91 11.79 10.76 -35.54
N LYS B 92 10.99 10.65 -34.46
CA LYS B 92 9.64 10.13 -34.58
C LYS B 92 8.65 11.27 -34.73
N ILE B 93 7.89 11.28 -35.81
CA ILE B 93 6.83 12.25 -36.06
C ILE B 93 5.48 11.62 -35.78
N VAL B 94 4.71 12.24 -34.88
CA VAL B 94 3.38 11.80 -34.51
C VAL B 94 2.41 12.89 -34.91
N LYS B 95 1.46 12.56 -35.78
CA LYS B 95 0.46 13.50 -36.25
C LYS B 95 -0.66 13.69 -35.25
N TRP B 96 -1.26 14.86 -35.27
CA TRP B 96 -2.40 15.16 -34.46
C TRP B 96 -3.59 14.58 -35.23
N ASP B 97 -4.28 13.58 -34.67
CA ASP B 97 -5.48 13.04 -35.28
C ASP B 97 -6.53 13.93 -34.70
N ARG B 98 -7.07 14.80 -35.59
CA ARG B 98 -7.97 15.94 -35.42
C ARG B 98 -9.07 15.83 -34.37
N ASP B 99 -9.40 14.62 -33.92
CA ASP B 99 -10.38 14.44 -32.85
C ASP B 99 -10.07 13.18 -32.05
N MET B 100 -10.07 11.98 -32.71
CA MET B 100 -9.87 10.62 -32.16
C MET B 100 -11.16 9.99 -31.58
N LYS C 1 7.56 22.79 2.08
CA LYS C 1 8.89 23.18 2.53
C LYS C 1 9.87 22.03 2.37
N LEU C 2 11.03 22.30 1.79
CA LEU C 2 12.12 21.35 1.63
C LEU C 2 12.65 20.94 2.99
N ASN C 3 13.30 19.79 3.06
CA ASN C 3 13.92 19.26 4.27
C ASN C 3 15.23 20.05 4.58
N ASP C 4 15.27 20.69 5.77
CA ASP C 4 16.40 21.52 6.25
C ASP C 4 17.43 20.61 6.86
N LEU C 5 18.13 19.89 6.01
CA LEU C 5 19.10 18.91 6.44
C LEU C 5 20.21 18.86 5.42
N CYS C 6 21.46 18.82 5.91
CA CYS C 6 22.65 18.67 5.06
C CYS C 6 22.77 17.20 4.79
N PHE C 7 22.36 16.75 3.60
CA PHE C 7 22.42 15.33 3.26
C PHE C 7 23.84 14.76 3.33
N THR C 8 23.94 13.48 3.62
CA THR C 8 25.19 12.75 3.63
C THR C 8 25.38 12.26 2.16
N ASN C 9 26.63 12.29 1.68
CA ASN C 9 26.94 11.83 0.35
C ASN C 9 26.78 10.32 0.19
N VAL C 10 26.66 9.84 -1.06
CA VAL C 10 26.55 8.41 -1.29
C VAL C 10 27.90 7.75 -0.97
N GLY D 1 -9.32 7.33 11.24
CA GLY D 1 -8.63 6.26 10.53
C GLY D 1 -9.56 5.38 9.72
N SER D 2 -8.96 4.44 8.94
CA SER D 2 -9.69 3.52 8.09
C SER D 2 -10.24 2.27 8.81
N HIS D 3 -11.16 1.55 8.18
CA HIS D 3 -11.78 0.35 8.73
C HIS D 3 -11.71 -0.82 7.76
N SER D 4 -11.83 -2.07 8.28
CA SER D 4 -11.77 -3.25 7.42
C SER D 4 -12.71 -4.38 7.82
N MET D 5 -13.13 -5.19 6.85
CA MET D 5 -13.93 -6.39 7.06
C MET D 5 -13.14 -7.53 6.41
N ARG D 6 -12.86 -8.61 7.17
N ARG D 6 -12.82 -8.60 7.18
CA ARG D 6 -12.13 -9.75 6.65
CA ARG D 6 -12.08 -9.73 6.62
C ARG D 6 -12.78 -11.06 7.07
C ARG D 6 -12.69 -11.05 7.08
N TYR D 7 -12.73 -12.05 6.20
CA TYR D 7 -13.20 -13.39 6.51
C TYR D 7 -12.01 -14.30 6.31
N PHE D 8 -11.80 -15.24 7.23
CA PHE D 8 -10.65 -16.19 7.21
C PHE D 8 -11.18 -17.60 7.26
N PHE D 9 -10.79 -18.43 6.30
CA PHE D 9 -11.31 -19.80 6.18
C PHE D 9 -10.14 -20.77 6.20
N THR D 10 -10.20 -21.80 7.06
CA THR D 10 -9.15 -22.81 7.12
C THR D 10 -9.79 -24.17 6.97
N SER D 11 -9.36 -24.97 6.00
CA SER D 11 -9.82 -26.34 5.89
C SER D 11 -8.58 -27.24 6.01
N VAL D 12 -8.70 -28.26 6.87
CA VAL D 12 -7.61 -29.19 7.09
C VAL D 12 -8.05 -30.63 6.85
N SER D 13 -7.51 -31.30 5.81
CA SER D 13 -7.87 -32.72 5.56
C SER D 13 -7.39 -33.65 6.68
N ARG D 14 -8.18 -34.70 6.97
CA ARG D 14 -7.86 -35.70 8.01
C ARG D 14 -7.96 -37.07 7.35
N PRO D 15 -6.90 -37.47 6.60
CA PRO D 15 -6.95 -38.70 5.79
C PRO D 15 -7.76 -39.93 6.28
N GLY D 16 -7.54 -40.38 7.52
CA GLY D 16 -8.27 -41.55 8.02
C GLY D 16 -9.25 -41.27 9.13
N ARG D 17 -9.62 -39.99 9.32
CA ARG D 17 -10.54 -39.61 10.39
C ARG D 17 -11.68 -38.72 9.88
N GLY D 18 -12.27 -39.12 8.77
CA GLY D 18 -13.41 -38.41 8.20
C GLY D 18 -13.09 -37.24 7.29
N GLU D 19 -14.08 -36.35 7.12
CA GLU D 19 -14.02 -35.17 6.26
C GLU D 19 -13.13 -34.06 6.86
N PRO D 20 -12.67 -33.10 6.03
CA PRO D 20 -11.82 -32.02 6.55
C PRO D 20 -12.48 -31.14 7.60
N ARG D 21 -11.68 -30.66 8.54
CA ARG D 21 -12.16 -29.76 9.58
C ARG D 21 -12.17 -28.35 8.91
N PHE D 22 -13.29 -27.61 8.98
CA PHE D 22 -13.39 -26.30 8.36
C PHE D 22 -13.74 -25.29 9.43
N ILE D 23 -12.98 -24.19 9.45
CA ILE D 23 -13.20 -23.14 10.40
C ILE D 23 -13.22 -21.78 9.71
N ALA D 24 -14.31 -21.04 9.86
CA ALA D 24 -14.42 -19.72 9.28
C ALA D 24 -14.59 -18.71 10.39
N VAL D 25 -13.93 -17.56 10.30
CA VAL D 25 -14.10 -16.45 11.26
C VAL D 25 -14.27 -15.12 10.51
N GLY D 26 -15.11 -14.24 11.01
CA GLY D 26 -15.29 -12.91 10.44
C GLY D 26 -14.81 -11.84 11.40
N TYR D 27 -14.15 -10.79 10.88
CA TYR D 27 -13.69 -9.66 11.67
C TYR D 27 -14.11 -8.32 11.07
N VAL D 28 -14.32 -7.30 11.92
CA VAL D 28 -14.44 -5.90 11.58
C VAL D 28 -13.26 -5.34 12.37
N ASP D 29 -12.24 -4.82 11.66
CA ASP D 29 -11.02 -4.32 12.27
C ASP D 29 -10.34 -5.43 13.09
N ASP D 30 -10.12 -5.24 14.40
CA ASP D 30 -9.53 -6.32 15.20
C ASP D 30 -10.54 -7.03 16.06
N THR D 31 -11.84 -6.85 15.82
CA THR D 31 -12.88 -7.49 16.61
C THR D 31 -13.61 -8.59 15.80
N GLN D 32 -13.60 -9.82 16.30
CA GLN D 32 -14.31 -10.95 15.69
C GLN D 32 -15.82 -10.81 15.90
N PHE D 33 -16.63 -11.17 14.89
CA PHE D 33 -18.08 -11.05 15.01
C PHE D 33 -18.83 -12.32 14.64
N VAL D 34 -18.26 -13.21 13.82
CA VAL D 34 -18.92 -14.48 13.50
C VAL D 34 -17.91 -15.65 13.49
N ARG D 35 -18.42 -16.87 13.64
CA ARG D 35 -17.64 -18.08 13.48
C ARG D 35 -18.52 -19.22 12.94
N PHE D 36 -17.87 -20.18 12.29
CA PHE D 36 -18.45 -21.43 11.85
C PHE D 36 -17.38 -22.50 12.14
N ASP D 37 -17.80 -23.61 12.75
CA ASP D 37 -16.89 -24.71 13.00
C ASP D 37 -17.57 -25.98 12.52
N SER D 38 -17.04 -26.63 11.49
CA SER D 38 -17.63 -27.87 10.97
C SER D 38 -17.77 -28.95 12.05
N ASP D 39 -16.91 -28.92 13.08
CA ASP D 39 -16.94 -29.90 14.15
C ASP D 39 -17.76 -29.46 15.37
N ALA D 40 -18.62 -28.45 15.21
CA ALA D 40 -19.48 -28.01 16.32
C ALA D 40 -20.91 -28.55 16.09
N ALA D 41 -21.67 -28.66 17.18
CA ALA D 41 -23.01 -29.25 17.14
C ALA D 41 -24.03 -28.49 16.35
N SER D 42 -23.92 -27.17 16.33
CA SER D 42 -24.92 -26.33 15.68
C SER D 42 -25.05 -26.49 14.17
N GLN D 43 -23.93 -26.52 13.46
CA GLN D 43 -23.90 -26.49 11.98
C GLN D 43 -24.45 -25.15 11.42
N ARG D 44 -24.30 -24.08 12.20
CA ARG D 44 -24.78 -22.76 11.82
C ARG D 44 -23.64 -21.75 11.97
N MET D 45 -23.76 -20.64 11.26
CA MET D 45 -22.90 -19.49 11.48
C MET D 45 -23.39 -18.88 12.82
N GLU D 46 -22.50 -18.69 13.79
CA GLU D 46 -22.87 -18.23 15.13
C GLU D 46 -22.39 -16.79 15.42
N PRO D 47 -23.15 -16.00 16.19
CA PRO D 47 -22.70 -14.66 16.55
C PRO D 47 -21.54 -14.71 17.56
N ARG D 48 -20.55 -13.83 17.44
CA ARG D 48 -19.42 -13.72 18.35
C ARG D 48 -19.16 -12.26 18.80
N ALA D 49 -20.12 -11.33 18.59
CA ALA D 49 -20.08 -9.93 19.02
C ALA D 49 -21.49 -9.47 19.40
N PRO D 50 -21.61 -8.55 20.37
CA PRO D 50 -22.95 -8.08 20.78
C PRO D 50 -23.69 -7.24 19.73
N TRP D 51 -22.95 -6.58 18.85
CA TRP D 51 -23.53 -5.74 17.81
C TRP D 51 -23.99 -6.52 16.55
N ILE D 52 -23.75 -7.86 16.49
CA ILE D 52 -24.21 -8.69 15.35
C ILE D 52 -25.43 -9.55 15.71
N GLU D 53 -25.72 -9.70 17.01
CA GLU D 53 -26.82 -10.49 17.55
C GLU D 53 -28.21 -10.12 17.05
N GLN D 54 -28.45 -8.83 16.77
CA GLN D 54 -29.74 -8.34 16.33
C GLN D 54 -30.05 -8.61 14.85
N GLU D 55 -29.11 -9.21 14.10
CA GLU D 55 -29.35 -9.55 12.71
C GLU D 55 -30.41 -10.67 12.68
N GLY D 56 -31.39 -10.55 11.79
CA GLY D 56 -32.51 -11.49 11.75
C GLY D 56 -32.27 -12.92 11.31
N PRO D 57 -33.32 -13.74 11.31
CA PRO D 57 -33.17 -15.15 10.94
C PRO D 57 -32.71 -15.36 9.51
N GLU D 58 -33.12 -14.50 8.60
CA GLU D 58 -32.75 -14.60 7.21
C GLU D 58 -31.24 -14.32 6.99
N TYR D 59 -30.61 -13.53 7.88
CA TYR D 59 -29.19 -13.24 7.85
C TYR D 59 -28.42 -14.51 8.24
N TRP D 60 -28.76 -15.14 9.38
CA TRP D 60 -28.12 -16.34 9.88
C TRP D 60 -28.31 -17.53 8.98
N ASP D 61 -29.52 -17.67 8.40
CA ASP D 61 -29.83 -18.75 7.46
C ASP D 61 -28.98 -18.59 6.19
N GLY D 62 -28.83 -17.36 5.71
CA GLY D 62 -28.06 -17.07 4.51
C GLY D 62 -26.57 -17.23 4.72
N GLU D 63 -26.03 -16.76 5.86
CA GLU D 63 -24.62 -16.89 6.18
C GLU D 63 -24.23 -18.37 6.39
N THR D 64 -25.17 -19.17 6.94
CA THR D 64 -24.99 -20.61 7.13
C THR D 64 -24.97 -21.28 5.75
N ARG D 65 -25.90 -20.92 4.88
CA ARG D 65 -25.92 -21.48 3.53
C ARG D 65 -24.62 -21.11 2.75
N LYS D 66 -24.15 -19.87 2.84
CA LYS D 66 -22.95 -19.46 2.12
C LYS D 66 -21.66 -20.10 2.66
N VAL D 67 -21.48 -20.18 4.00
CA VAL D 67 -20.30 -20.74 4.65
C VAL D 67 -20.18 -22.28 4.46
N LYS D 68 -21.30 -22.97 4.34
CA LYS D 68 -21.28 -24.40 4.07
C LYS D 68 -20.88 -24.63 2.59
N ALA D 69 -21.32 -23.74 1.67
CA ALA D 69 -20.96 -23.81 0.26
C ALA D 69 -19.46 -23.55 0.11
N HIS D 70 -18.89 -22.59 0.89
CA HIS D 70 -17.46 -22.29 0.93
C HIS D 70 -16.71 -23.57 1.39
N SER D 71 -17.25 -24.25 2.40
CA SER D 71 -16.71 -25.48 2.97
C SER D 71 -16.58 -26.55 1.90
N GLN D 72 -17.68 -26.85 1.18
CA GLN D 72 -17.69 -27.85 0.12
C GLN D 72 -16.67 -27.60 -0.99
N THR D 73 -16.49 -26.32 -1.35
CA THR D 73 -15.52 -25.91 -2.36
C THR D 73 -14.10 -26.25 -1.91
N HIS D 74 -13.80 -26.04 -0.63
CA HIS D 74 -12.48 -26.29 -0.08
C HIS D 74 -12.14 -27.78 0.03
N ARG D 75 -13.16 -28.60 0.29
CA ARG D 75 -13.11 -30.05 0.36
C ARG D 75 -12.67 -30.62 -0.99
N VAL D 76 -13.26 -30.11 -2.07
CA VAL D 76 -12.90 -30.55 -3.40
C VAL D 76 -11.48 -30.06 -3.72
N ASP D 77 -11.19 -28.76 -3.44
CA ASP D 77 -9.88 -28.15 -3.67
C ASP D 77 -8.71 -28.92 -3.01
N LEU D 78 -8.86 -29.40 -1.78
CA LEU D 78 -7.85 -30.22 -1.12
C LEU D 78 -7.45 -31.45 -1.97
N GLY D 79 -8.46 -32.13 -2.52
CA GLY D 79 -8.28 -33.31 -3.36
C GLY D 79 -7.58 -32.97 -4.66
N THR D 80 -7.99 -31.89 -5.30
CA THR D 80 -7.34 -31.43 -6.51
C THR D 80 -5.87 -31.01 -6.26
N LEU D 81 -5.58 -30.32 -5.14
CA LEU D 81 -4.23 -29.85 -4.84
C LEU D 81 -3.27 -31.00 -4.53
N ARG D 82 -3.78 -32.06 -3.89
CA ARG D 82 -3.06 -33.30 -3.63
C ARG D 82 -2.55 -33.88 -4.98
N GLY D 83 -3.36 -33.77 -6.03
CA GLY D 83 -3.02 -34.20 -7.38
C GLY D 83 -2.01 -33.28 -8.05
N TYR D 84 -2.24 -31.94 -8.00
CA TYR D 84 -1.33 -30.94 -8.58
C TYR D 84 0.12 -31.13 -8.11
N TYR D 85 0.32 -31.48 -6.84
CA TYR D 85 1.64 -31.66 -6.21
C TYR D 85 2.06 -33.11 -5.98
N ASN D 86 1.30 -34.09 -6.53
CA ASN D 86 1.53 -35.53 -6.44
C ASN D 86 1.81 -36.02 -5.01
N GLN D 87 0.97 -35.61 -4.06
CA GLN D 87 1.13 -36.01 -2.67
C GLN D 87 0.30 -37.28 -2.35
N SER D 88 0.70 -37.99 -1.31
CA SER D 88 -0.02 -39.20 -0.88
C SER D 88 -1.41 -38.86 -0.30
N GLU D 89 -2.25 -39.88 -0.12
CA GLU D 89 -3.56 -39.71 0.51
C GLU D 89 -3.43 -39.78 2.04
N ALA D 90 -2.27 -40.19 2.60
CA ALA D 90 -2.09 -40.38 4.03
C ALA D 90 -1.74 -39.11 4.84
N GLY D 91 -1.19 -38.09 4.21
CA GLY D 91 -0.86 -36.86 4.90
C GLY D 91 -1.95 -35.80 4.92
N SER D 92 -1.98 -35.01 6.00
CA SER D 92 -2.92 -33.91 6.22
C SER D 92 -2.39 -32.66 5.56
N HIS D 93 -3.25 -31.95 4.81
CA HIS D 93 -2.89 -30.72 4.12
C HIS D 93 -3.88 -29.60 4.43
N THR D 94 -3.48 -28.34 4.18
CA THR D 94 -4.29 -27.19 4.54
C THR D 94 -4.60 -26.28 3.39
N VAL D 95 -5.85 -25.83 3.27
CA VAL D 95 -6.20 -24.77 2.36
C VAL D 95 -6.63 -23.56 3.22
N GLN D 96 -6.16 -22.37 2.85
CA GLN D 96 -6.60 -21.16 3.52
C GLN D 96 -7.05 -20.15 2.50
N ARG D 97 -8.13 -19.48 2.83
CA ARG D 97 -8.66 -18.41 2.00
C ARG D 97 -8.91 -17.19 2.88
N MET D 98 -8.62 -16.00 2.35
CA MET D 98 -8.87 -14.76 3.05
C MET D 98 -9.51 -13.81 2.06
N TYR D 99 -10.56 -13.09 2.45
CA TYR D 99 -11.15 -12.06 1.60
C TYR D 99 -11.81 -10.93 2.42
N GLY D 100 -11.91 -9.76 1.79
CA GLY D 100 -12.48 -8.61 2.45
C GLY D 100 -12.15 -7.28 1.83
N CYS D 101 -12.54 -6.21 2.52
CA CYS D 101 -12.38 -4.88 2.01
C CYS D 101 -11.92 -3.89 3.08
N ASP D 102 -11.28 -2.81 2.62
CA ASP D 102 -10.85 -1.68 3.44
C ASP D 102 -11.66 -0.46 3.00
N VAL D 103 -12.09 0.37 3.94
CA VAL D 103 -12.70 1.67 3.65
C VAL D 103 -11.89 2.73 4.39
N GLY D 104 -11.78 3.91 3.80
CA GLY D 104 -11.03 5.00 4.43
C GLY D 104 -11.86 5.75 5.46
N SER D 105 -11.34 6.85 5.98
CA SER D 105 -12.02 7.72 6.97
C SER D 105 -13.32 8.26 6.42
N ASP D 106 -13.36 8.53 5.10
CA ASP D 106 -14.55 8.99 4.39
C ASP D 106 -15.54 7.85 4.03
N TRP D 107 -15.25 6.62 4.49
CA TRP D 107 -15.96 5.36 4.32
C TRP D 107 -16.22 5.01 2.83
N ARG D 108 -15.20 5.26 2.03
CA ARG D 108 -15.20 4.95 0.61
C ARG D 108 -14.26 3.78 0.38
N PHE D 109 -14.48 3.02 -0.68
CA PHE D 109 -13.64 1.89 -1.04
C PHE D 109 -12.13 2.24 -1.09
N LEU D 110 -11.29 1.43 -0.44
CA LEU D 110 -9.85 1.64 -0.42
C LEU D 110 -9.13 0.50 -1.10
N ARG D 111 -9.37 -0.74 -0.63
CA ARG D 111 -8.71 -1.95 -1.12
C ARG D 111 -9.65 -3.14 -1.05
N GLY D 112 -9.38 -4.08 -1.94
CA GLY D 112 -10.12 -5.32 -2.07
C GLY D 112 -9.14 -6.46 -1.95
N TYR D 113 -9.56 -7.55 -1.29
CA TYR D 113 -8.68 -8.71 -1.09
C TYR D 113 -9.42 -10.00 -1.33
N HIS D 114 -8.75 -10.99 -1.94
CA HIS D 114 -9.25 -12.33 -2.14
C HIS D 114 -8.06 -13.18 -2.44
N GLN D 115 -7.50 -13.78 -1.41
CA GLN D 115 -6.25 -14.54 -1.41
C GLN D 115 -6.43 -16.01 -1.04
N TYR D 116 -5.54 -16.85 -1.55
CA TYR D 116 -5.60 -18.29 -1.37
C TYR D 116 -4.23 -18.91 -1.08
N ALA D 117 -4.14 -19.82 -0.12
CA ALA D 117 -2.89 -20.49 0.23
C ALA D 117 -3.03 -22.03 0.27
N TYR D 118 -1.95 -22.74 -0.05
CA TYR D 118 -1.93 -24.19 0.11
C TYR D 118 -0.75 -24.54 0.97
N ASP D 119 -0.99 -25.16 2.12
CA ASP D 119 0.00 -25.62 3.07
C ASP D 119 0.88 -24.49 3.59
N GLY D 120 0.26 -23.34 3.84
CA GLY D 120 0.91 -22.16 4.41
C GLY D 120 1.60 -21.24 3.45
N LYS D 121 1.60 -21.57 2.17
CA LYS D 121 2.27 -20.77 1.15
C LYS D 121 1.26 -20.12 0.25
N ASP D 122 1.59 -18.93 -0.27
CA ASP D 122 0.78 -18.23 -1.28
C ASP D 122 0.52 -19.15 -2.46
N TYR D 123 -0.72 -19.19 -2.92
CA TYR D 123 -1.08 -20.06 -4.02
C TYR D 123 -1.61 -19.20 -5.13
N ILE D 124 -2.67 -18.41 -4.88
CA ILE D 124 -3.18 -17.47 -5.88
C ILE D 124 -3.82 -16.27 -5.19
N ALA D 125 -3.61 -15.07 -5.70
CA ALA D 125 -4.15 -13.87 -5.09
C ALA D 125 -4.76 -12.94 -6.12
N LEU D 126 -5.87 -12.29 -5.79
CA LEU D 126 -6.48 -11.31 -6.69
C LEU D 126 -5.64 -10.05 -6.55
N LYS D 127 -5.07 -9.58 -7.67
CA LYS D 127 -4.25 -8.36 -7.69
C LYS D 127 -5.06 -7.14 -7.25
N GLU D 128 -4.37 -6.06 -6.82
CA GLU D 128 -4.94 -4.79 -6.40
C GLU D 128 -6.02 -4.22 -7.37
N ASP D 129 -5.81 -4.36 -8.70
CA ASP D 129 -6.78 -3.88 -9.66
C ASP D 129 -8.15 -4.62 -9.64
N LEU D 130 -8.21 -5.77 -8.92
CA LEU D 130 -9.40 -6.63 -8.81
C LEU D 130 -9.85 -7.22 -10.15
N ARG D 131 -8.91 -7.36 -11.10
CA ARG D 131 -9.15 -7.84 -12.44
C ARG D 131 -8.20 -8.95 -12.85
N SER D 132 -6.99 -8.96 -12.28
CA SER D 132 -5.98 -9.98 -12.61
C SER D 132 -5.54 -10.80 -11.39
N TRP D 133 -4.80 -11.89 -11.63
CA TRP D 133 -4.40 -12.84 -10.61
C TRP D 133 -2.87 -13.01 -10.51
N THR D 134 -2.35 -13.28 -9.31
CA THR D 134 -0.93 -13.59 -9.15
C THR D 134 -0.82 -15.06 -8.82
N ALA D 135 -0.12 -15.84 -9.65
CA ALA D 135 0.05 -17.28 -9.43
C ALA D 135 1.45 -17.54 -8.85
N ALA D 136 1.50 -18.07 -7.63
CA ALA D 136 2.73 -18.30 -6.91
C ALA D 136 3.63 -19.39 -7.45
N ASP D 137 3.07 -20.37 -8.18
CA ASP D 137 3.88 -21.46 -8.70
C ASP D 137 3.29 -22.04 -9.99
N MET D 138 3.78 -23.22 -10.42
CA MET D 138 3.34 -23.88 -11.64
C MET D 138 1.89 -24.34 -11.58
N ALA D 139 1.53 -25.10 -10.53
CA ALA D 139 0.18 -25.62 -10.31
C ALA D 139 -0.85 -24.47 -10.30
N ALA D 140 -0.48 -23.33 -9.67
CA ALA D 140 -1.29 -22.13 -9.57
C ALA D 140 -1.63 -21.52 -10.93
N GLN D 141 -0.84 -21.80 -11.97
CA GLN D 141 -1.10 -21.28 -13.33
C GLN D 141 -2.35 -21.95 -13.91
N THR D 142 -2.54 -23.25 -13.65
CA THR D 142 -3.71 -24.01 -14.06
C THR D 142 -4.95 -23.38 -13.41
N THR D 143 -4.89 -23.09 -12.09
CA THR D 143 -5.98 -22.46 -11.34
C THR D 143 -6.26 -21.10 -11.93
N LYS D 144 -5.19 -20.32 -12.20
CA LYS D 144 -5.30 -19.00 -12.82
C LYS D 144 -6.05 -19.05 -14.14
N HIS D 145 -5.69 -19.99 -15.04
CA HIS D 145 -6.39 -20.09 -16.32
C HIS D 145 -7.85 -20.47 -16.14
N LYS D 146 -8.15 -21.39 -15.19
CA LYS D 146 -9.51 -21.79 -14.86
C LYS D 146 -10.36 -20.63 -14.35
N TRP D 147 -9.77 -19.76 -13.53
CA TRP D 147 -10.51 -18.64 -12.95
C TRP D 147 -10.68 -17.50 -13.94
N GLU D 148 -9.75 -17.35 -14.90
CA GLU D 148 -9.89 -16.32 -15.94
C GLU D 148 -11.02 -16.68 -16.89
N ALA D 149 -11.14 -17.97 -17.23
CA ALA D 149 -12.17 -18.48 -18.13
C ALA D 149 -13.56 -18.44 -17.49
N ALA D 150 -13.62 -18.65 -16.17
CA ALA D 150 -14.88 -18.63 -15.45
C ALA D 150 -15.31 -17.19 -15.06
N HIS D 151 -14.44 -16.18 -15.29
CA HIS D 151 -14.68 -14.79 -14.97
C HIS D 151 -15.02 -14.61 -13.48
N VAL D 152 -14.15 -15.15 -12.62
CA VAL D 152 -14.25 -15.10 -11.16
C VAL D 152 -13.98 -13.68 -10.65
N ALA D 153 -12.95 -13.01 -11.21
CA ALA D 153 -12.55 -11.66 -10.83
C ALA D 153 -13.71 -10.67 -10.85
N GLU D 154 -14.55 -10.76 -11.87
CA GLU D 154 -15.69 -9.89 -12.09
C GLU D 154 -16.68 -10.04 -10.96
N GLN D 155 -16.96 -11.29 -10.56
CA GLN D 155 -17.91 -11.56 -9.50
C GLN D 155 -17.37 -11.12 -8.15
N LEU D 156 -16.07 -11.34 -7.89
CA LEU D 156 -15.40 -10.90 -6.67
C LEU D 156 -15.38 -9.38 -6.56
N ARG D 157 -14.97 -8.67 -7.62
CA ARG D 157 -14.92 -7.20 -7.61
C ARG D 157 -16.28 -6.56 -7.31
N ALA D 158 -17.39 -7.12 -7.84
CA ALA D 158 -18.72 -6.60 -7.54
C ALA D 158 -19.02 -6.71 -6.03
N TYR D 159 -18.65 -7.84 -5.40
CA TYR D 159 -18.86 -8.04 -3.97
C TYR D 159 -17.93 -7.13 -3.17
N LEU D 160 -16.61 -7.08 -3.50
CA LEU D 160 -15.62 -6.27 -2.78
C LEU D 160 -15.90 -4.79 -2.81
N GLU D 161 -16.33 -4.27 -3.96
CA GLU D 161 -16.67 -2.85 -4.08
C GLU D 161 -18.14 -2.56 -3.75
N GLY D 162 -18.95 -3.60 -3.59
CA GLY D 162 -20.36 -3.42 -3.31
C GLY D 162 -20.78 -3.88 -1.94
N THR D 163 -21.33 -5.09 -1.85
CA THR D 163 -21.83 -5.70 -0.62
C THR D 163 -20.84 -5.68 0.52
N CYS D 164 -19.56 -5.91 0.26
CA CYS D 164 -18.55 -5.92 1.33
C CYS D 164 -18.46 -4.55 2.02
N VAL D 165 -18.29 -3.49 1.22
CA VAL D 165 -18.19 -2.09 1.63
C VAL D 165 -19.51 -1.62 2.25
N GLU D 166 -20.65 -2.09 1.76
CA GLU D 166 -21.95 -1.70 2.32
C GLU D 166 -22.21 -2.33 3.66
N TRP D 167 -21.88 -3.63 3.82
CA TRP D 167 -22.13 -4.31 5.10
C TRP D 167 -21.06 -3.93 6.15
N LEU D 168 -19.85 -3.57 5.73
CA LEU D 168 -18.85 -3.03 6.66
C LEU D 168 -19.40 -1.70 7.28
N ARG D 169 -19.95 -0.79 6.44
CA ARG D 169 -20.58 0.45 6.94
C ARG D 169 -21.71 0.12 7.92
N ARG D 170 -22.56 -0.85 7.57
CA ARG D 170 -23.69 -1.24 8.41
C ARG D 170 -23.25 -1.73 9.79
N TYR D 171 -22.17 -2.53 9.86
CA TYR D 171 -21.73 -3.07 11.15
C TYR D 171 -21.14 -1.97 12.03
N LEU D 172 -20.35 -1.09 11.42
CA LEU D 172 -19.74 0.01 12.13
C LEU D 172 -20.79 0.95 12.77
N GLU D 173 -21.99 1.06 12.15
CA GLU D 173 -23.04 1.89 12.68
C GLU D 173 -23.80 1.16 13.79
N ASN D 174 -24.05 -0.15 13.64
CA ASN D 174 -24.73 -0.93 14.69
C ASN D 174 -23.87 -1.09 15.95
N GLY D 175 -22.56 -1.11 15.77
CA GLY D 175 -21.63 -1.23 16.87
C GLY D 175 -20.80 0.02 17.08
N LYS D 176 -21.34 1.21 16.80
CA LYS D 176 -20.60 2.48 16.92
C LYS D 176 -19.70 2.64 18.18
N GLU D 177 -20.25 2.58 19.41
CA GLU D 177 -19.52 2.77 20.69
C GLU D 177 -18.34 1.81 20.91
N THR D 178 -18.46 0.60 20.41
CA THR D 178 -17.43 -0.41 20.56
C THR D 178 -16.49 -0.46 19.36
N LEU D 179 -17.00 -0.39 18.14
CA LEU D 179 -16.16 -0.46 16.92
C LEU D 179 -15.42 0.81 16.57
N GLN D 180 -16.10 1.96 16.64
CA GLN D 180 -15.49 3.23 16.24
C GLN D 180 -14.79 3.91 17.39
N ARG D 181 -14.19 3.13 18.28
CA ARG D 181 -13.47 3.63 19.44
C ARG D 181 -11.97 3.50 19.20
N THR D 182 -11.20 4.32 19.89
CA THR D 182 -9.75 4.21 19.88
C THR D 182 -9.34 4.34 21.36
N ASP D 183 -8.68 3.31 21.89
CA ASP D 183 -8.21 3.33 23.28
C ASP D 183 -6.70 3.51 23.20
N ALA D 184 -6.21 4.61 23.77
CA ALA D 184 -4.79 4.92 23.76
C ALA D 184 -4.07 3.96 24.72
N PRO D 185 -2.83 3.55 24.39
CA PRO D 185 -2.12 2.64 25.30
C PRO D 185 -1.79 3.28 26.63
N LYS D 186 -1.84 2.47 27.70
CA LYS D 186 -1.41 2.88 29.03
C LYS D 186 0.04 2.34 29.09
N THR D 187 1.01 3.24 29.34
CA THR D 187 2.42 2.89 29.27
C THR D 187 3.17 3.01 30.55
N HIS D 188 4.19 2.18 30.72
CA HIS D 188 5.09 2.15 31.87
C HIS D 188 6.34 1.33 31.52
N MET D 189 7.43 1.47 32.32
CA MET D 189 8.66 0.72 32.08
C MET D 189 9.13 -0.14 33.28
N THR D 190 9.47 -1.40 33.05
CA THR D 190 10.04 -2.26 34.09
C THR D 190 11.57 -2.37 33.92
N HIS D 191 12.27 -2.79 34.99
CA HIS D 191 13.73 -2.86 34.98
C HIS D 191 14.20 -4.01 35.83
N HIS D 192 14.70 -5.07 35.19
CA HIS D 192 15.18 -6.23 35.92
C HIS D 192 16.63 -6.56 35.60
N ALA D 193 17.52 -6.45 36.60
CA ALA D 193 18.93 -6.77 36.46
C ALA D 193 19.09 -8.26 36.20
N VAL D 194 19.68 -8.60 35.05
CA VAL D 194 19.89 -10.00 34.64
C VAL D 194 21.35 -10.48 34.82
N SER D 195 22.16 -9.69 35.56
CA SER D 195 23.60 -9.87 35.81
C SER D 195 24.11 -8.62 36.59
N ASP D 196 25.34 -8.67 37.10
CA ASP D 196 25.92 -7.53 37.82
C ASP D 196 26.56 -6.47 36.90
N HIS D 197 26.26 -6.54 35.58
CA HIS D 197 26.76 -5.62 34.55
C HIS D 197 25.75 -5.49 33.36
N GLU D 198 24.55 -6.11 33.47
CA GLU D 198 23.47 -6.11 32.47
C GLU D 198 22.11 -6.02 33.18
N ALA D 199 21.23 -5.16 32.66
CA ALA D 199 19.86 -5.00 33.18
C ALA D 199 18.91 -4.82 31.99
N THR D 200 17.71 -5.44 32.05
CA THR D 200 16.76 -5.30 30.97
C THR D 200 15.78 -4.16 31.24
N LEU D 201 15.55 -3.30 30.22
CA LEU D 201 14.59 -2.21 30.28
C LEU D 201 13.44 -2.65 29.39
N ARG D 202 12.25 -2.87 29.96
CA ARG D 202 11.09 -3.31 29.21
C ARG D 202 10.02 -2.23 29.18
N CYS D 203 9.70 -1.76 27.98
CA CYS D 203 8.71 -0.72 27.70
C CYS D 203 7.36 -1.41 27.43
N TRP D 204 6.34 -1.09 28.22
CA TRP D 204 5.02 -1.71 28.12
C TRP D 204 3.95 -0.82 27.53
N ALA D 205 2.98 -1.43 26.82
CA ALA D 205 1.82 -0.74 26.28
C ALA D 205 0.63 -1.68 26.48
N LEU D 206 -0.41 -1.20 27.17
CA LEU D 206 -1.57 -2.04 27.50
C LEU D 206 -2.89 -1.30 27.23
N SER D 207 -4.01 -2.06 27.14
CA SER D 207 -5.38 -1.53 26.99
C SER D 207 -5.57 -0.66 25.78
N PHE D 208 -4.89 -1.00 24.67
CA PHE D 208 -5.05 -0.21 23.47
C PHE D 208 -5.91 -0.92 22.41
N TYR D 209 -6.56 -0.09 21.57
CA TYR D 209 -7.39 -0.52 20.46
C TYR D 209 -7.36 0.61 19.43
N PRO D 210 -7.14 0.31 18.13
CA PRO D 210 -6.90 -1.01 17.52
C PRO D 210 -5.52 -1.58 17.82
N ALA D 211 -5.29 -2.83 17.41
CA ALA D 211 -4.06 -3.59 17.65
C ALA D 211 -2.76 -2.99 17.09
N GLU D 212 -2.84 -2.18 16.03
CA GLU D 212 -1.64 -1.60 15.43
C GLU D 212 -0.92 -0.63 16.36
N ILE D 213 0.37 -0.88 16.59
CA ILE D 213 1.19 -0.06 17.47
C ILE D 213 2.67 -0.20 17.07
N THR D 214 3.50 0.73 17.51
CA THR D 214 4.94 0.67 17.30
C THR D 214 5.65 1.05 18.58
N LEU D 215 6.57 0.18 19.04
CA LEU D 215 7.38 0.39 20.24
C LEU D 215 8.82 0.28 19.76
N THR D 216 9.58 1.36 19.81
CA THR D 216 10.97 1.37 19.34
C THR D 216 11.89 1.95 20.36
N TRP D 217 13.13 1.50 20.40
CA TRP D 217 14.09 2.03 21.36
C TRP D 217 15.14 2.88 20.68
N GLN D 218 15.65 3.87 21.39
CA GLN D 218 16.74 4.69 20.95
C GLN D 218 17.79 4.81 22.04
N ARG D 219 19.07 4.94 21.67
CA ARG D 219 20.14 5.16 22.62
C ARG D 219 20.84 6.40 22.14
N ASP D 220 20.61 7.53 22.81
CA ASP D 220 21.17 8.85 22.46
C ASP D 220 20.60 9.41 21.15
N GLY D 221 19.32 9.11 20.91
CA GLY D 221 18.63 9.56 19.71
C GLY D 221 18.91 8.71 18.50
N GLU D 222 19.52 7.53 18.70
CA GLU D 222 19.89 6.60 17.66
C GLU D 222 19.08 5.29 17.71
N ASP D 223 18.42 4.94 16.60
CA ASP D 223 17.60 3.74 16.48
C ASP D 223 18.34 2.46 16.83
N GLN D 224 17.71 1.61 17.66
CA GLN D 224 18.30 0.34 18.07
C GLN D 224 17.60 -0.80 17.39
N THR D 225 18.34 -1.57 16.59
CA THR D 225 17.75 -2.73 15.90
C THR D 225 18.73 -3.90 16.06
N GLN D 226 19.09 -4.14 17.32
CA GLN D 226 19.96 -5.15 17.89
C GLN D 226 19.86 -4.95 19.41
N ASP D 227 19.95 -6.05 20.18
CA ASP D 227 19.76 -6.00 21.64
C ASP D 227 18.30 -5.58 22.03
N THR D 228 17.42 -5.32 21.01
CA THR D 228 16.01 -4.95 21.18
C THR D 228 15.13 -6.17 20.93
N GLU D 229 14.44 -6.65 21.95
CA GLU D 229 13.55 -7.80 21.81
C GLU D 229 12.11 -7.27 21.75
N LEU D 230 11.33 -7.77 20.79
CA LEU D 230 9.97 -7.31 20.58
C LEU D 230 9.05 -8.53 20.43
N VAL D 231 7.95 -8.56 21.18
CA VAL D 231 7.00 -9.66 21.08
C VAL D 231 5.87 -9.31 20.10
N GLU D 232 5.11 -10.32 19.67
CA GLU D 232 3.94 -10.12 18.85
C GLU D 232 2.87 -9.39 19.70
N THR D 233 2.07 -8.53 19.07
CA THR D 233 0.96 -7.87 19.74
C THR D 233 -0.04 -8.94 20.19
N ARG D 234 -0.42 -8.90 21.46
CA ARG D 234 -1.28 -9.95 22.00
C ARG D 234 -2.61 -9.44 22.50
N PRO D 235 -3.67 -10.25 22.38
CA PRO D 235 -4.96 -9.84 22.93
C PRO D 235 -5.02 -10.04 24.45
N ALA D 236 -5.53 -9.03 25.15
CA ALA D 236 -5.76 -9.13 26.57
C ALA D 236 -6.92 -10.13 26.87
N GLY D 237 -7.90 -10.22 25.96
CA GLY D 237 -9.06 -11.08 26.15
C GLY D 237 -10.37 -10.32 26.40
N ASP D 238 -10.27 -9.02 26.64
CA ASP D 238 -11.42 -8.14 26.83
C ASP D 238 -11.63 -7.15 25.66
N GLY D 239 -11.03 -7.43 24.49
CA GLY D 239 -11.15 -6.53 23.35
C GLY D 239 -10.00 -5.55 23.19
N THR D 240 -9.06 -5.50 24.15
CA THR D 240 -7.89 -4.64 24.03
C THR D 240 -6.61 -5.48 23.73
N PHE D 241 -5.47 -4.82 23.49
CA PHE D 241 -4.23 -5.45 23.11
C PHE D 241 -3.08 -4.98 24.03
N GLN D 242 -1.98 -5.75 24.04
CA GLN D 242 -0.80 -5.50 24.86
C GLN D 242 0.42 -5.75 24.03
N LYS D 243 1.51 -5.05 24.34
CA LYS D 243 2.77 -5.26 23.67
C LYS D 243 3.91 -4.73 24.52
N TRP D 244 5.07 -5.41 24.48
CA TRP D 244 6.24 -4.88 25.15
C TRP D 244 7.46 -4.96 24.24
N ALA D 245 8.40 -4.04 24.47
CA ALA D 245 9.66 -4.01 23.78
C ALA D 245 10.79 -3.94 24.83
N ALA D 246 11.75 -4.86 24.77
CA ALA D 246 12.85 -4.93 25.72
C ALA D 246 14.19 -4.50 25.13
N VAL D 247 15.10 -4.05 25.98
CA VAL D 247 16.45 -3.69 25.58
C VAL D 247 17.43 -3.99 26.74
N VAL D 248 18.57 -4.64 26.45
CA VAL D 248 19.57 -4.92 27.48
C VAL D 248 20.57 -3.78 27.46
N VAL D 249 20.66 -3.04 28.56
CA VAL D 249 21.55 -1.90 28.66
C VAL D 249 22.68 -2.22 29.64
N PRO D 250 23.91 -1.70 29.41
CA PRO D 250 24.97 -1.92 30.40
C PRO D 250 24.62 -1.14 31.69
N SER D 251 24.77 -1.79 32.86
CA SER D 251 24.43 -1.21 34.17
C SER D 251 24.98 0.20 34.40
N GLY D 252 24.11 1.11 34.80
CA GLY D 252 24.45 2.50 35.02
C GLY D 252 24.26 3.40 33.81
N GLN D 253 23.79 2.83 32.67
CA GLN D 253 23.56 3.58 31.43
C GLN D 253 22.08 3.64 31.00
N GLU D 254 21.14 3.31 31.91
CA GLU D 254 19.70 3.30 31.63
C GLU D 254 19.19 4.65 31.12
N GLN D 255 19.71 5.76 31.65
CA GLN D 255 19.32 7.12 31.24
C GLN D 255 19.65 7.45 29.77
N ARG D 256 20.41 6.57 29.08
CA ARG D 256 20.74 6.75 27.68
C ARG D 256 19.60 6.32 26.74
N TYR D 257 18.89 5.27 27.14
CA TYR D 257 17.82 4.69 26.35
C TYR D 257 16.44 5.33 26.54
N THR D 258 15.72 5.52 25.42
CA THR D 258 14.34 6.05 25.41
C THR D 258 13.44 5.14 24.61
N CYS D 259 12.19 4.99 25.03
CA CYS D 259 11.22 4.17 24.32
C CYS D 259 10.24 5.09 23.64
N HIS D 260 9.85 4.75 22.41
CA HIS D 260 8.92 5.54 21.65
C HIS D 260 7.66 4.74 21.30
N VAL D 261 6.49 5.20 21.79
CA VAL D 261 5.18 4.56 21.57
C VAL D 261 4.37 5.29 20.49
N GLN D 262 4.06 4.58 19.41
CA GLN D 262 3.28 5.11 18.30
C GLN D 262 1.95 4.35 18.21
N HIS D 263 0.80 5.03 18.42
CA HIS D 263 -0.55 4.46 18.28
C HIS D 263 -1.53 5.53 17.77
N GLU D 264 -2.65 5.11 17.12
CA GLU D 264 -3.71 6.00 16.61
C GLU D 264 -4.29 6.95 17.69
N GLY D 265 -4.41 6.47 18.94
CA GLY D 265 -4.99 7.22 20.05
C GLY D 265 -4.07 8.23 20.72
N LEU D 266 -2.85 8.38 20.18
CA LEU D 266 -1.87 9.37 20.66
C LEU D 266 -1.70 10.44 19.58
N PRO D 267 -1.59 11.72 19.98
CA PRO D 267 -1.47 12.81 18.98
C PRO D 267 -0.16 12.78 18.18
N LYS D 268 0.92 12.36 18.85
CA LYS D 268 2.30 12.22 18.36
C LYS D 268 2.95 11.13 19.25
N PRO D 269 4.03 10.46 18.77
CA PRO D 269 4.65 9.41 19.60
C PRO D 269 5.03 9.82 21.03
N LEU D 270 4.80 8.93 21.99
CA LEU D 270 5.06 9.15 23.41
C LEU D 270 6.48 8.64 23.81
N THR D 271 7.32 9.52 24.38
CA THR D 271 8.69 9.17 24.77
C THR D 271 8.76 8.74 26.24
N LEU D 272 9.33 7.56 26.52
CA LEU D 272 9.45 7.05 27.88
C LEU D 272 10.91 6.87 28.31
N ARG D 273 11.23 7.29 29.55
CA ARG D 273 12.54 7.11 30.19
C ARG D 273 12.40 6.25 31.47
N TRP D 274 13.50 5.64 31.95
CA TRP D 274 13.42 4.82 33.16
C TRP D 274 13.33 5.66 34.46
N ILE E 2 7.68 -26.90 4.66
CA ILE E 2 8.34 -26.16 5.75
C ILE E 2 7.33 -25.65 6.80
N GLN E 3 7.45 -26.17 8.02
CA GLN E 3 6.62 -25.84 9.15
C GLN E 3 7.16 -24.67 9.97
N ARG E 4 6.32 -24.05 10.79
CA ARG E 4 6.71 -22.94 11.62
C ARG E 4 6.29 -23.22 13.06
N THR E 5 7.20 -22.99 14.00
CA THR E 5 6.95 -23.27 15.40
C THR E 5 6.15 -22.15 16.10
N PRO E 6 5.30 -22.49 17.09
CA PRO E 6 4.58 -21.44 17.80
C PRO E 6 5.48 -20.61 18.71
N LYS E 7 5.21 -19.30 18.75
CA LYS E 7 5.79 -18.29 19.63
C LYS E 7 4.78 -18.27 20.76
N ILE E 8 5.22 -18.53 21.98
CA ILE E 8 4.32 -18.66 23.13
C ILE E 8 4.48 -17.49 24.07
N GLN E 9 3.35 -16.95 24.58
CA GLN E 9 3.36 -15.87 25.56
C GLN E 9 2.33 -16.20 26.64
N VAL E 10 2.71 -16.12 27.90
CA VAL E 10 1.80 -16.41 29.02
C VAL E 10 1.78 -15.19 29.89
N TYR E 11 0.59 -14.70 30.15
CA TYR E 11 0.39 -13.42 30.79
C TYR E 11 -1.05 -13.32 31.33
N SER E 12 -1.38 -12.20 31.99
CA SER E 12 -2.72 -12.01 32.53
C SER E 12 -3.46 -10.85 31.85
N ARG E 13 -4.80 -10.97 31.72
CA ARG E 13 -5.65 -9.95 31.13
C ARG E 13 -5.40 -8.57 31.78
N HIS E 14 -5.48 -8.51 33.12
CA HIS E 14 -5.21 -7.29 33.90
C HIS E 14 -3.93 -7.50 34.74
N PRO E 15 -3.29 -6.42 35.23
CA PRO E 15 -2.05 -6.60 36.02
C PRO E 15 -2.20 -7.48 37.27
N ALA E 16 -1.07 -8.14 37.65
CA ALA E 16 -0.93 -9.09 38.75
C ALA E 16 -1.16 -8.51 40.15
N GLU E 17 -2.27 -8.93 40.80
CA GLU E 17 -2.61 -8.49 42.15
C GLU E 17 -3.32 -9.62 42.93
N ASN E 18 -2.57 -10.24 43.87
CA ASN E 18 -3.01 -11.34 44.73
C ASN E 18 -4.41 -11.19 45.30
N GLY E 19 -5.18 -12.27 45.23
CA GLY E 19 -6.54 -12.30 45.76
C GLY E 19 -7.58 -11.59 44.92
N LYS E 20 -7.26 -11.27 43.64
CA LYS E 20 -8.24 -10.60 42.77
C LYS E 20 -8.50 -11.37 41.46
N SER E 21 -9.78 -11.72 41.22
CA SER E 21 -10.27 -12.43 40.04
C SER E 21 -9.77 -11.77 38.74
N ASN E 22 -8.95 -12.51 38.00
CA ASN E 22 -8.28 -12.08 36.77
C ASN E 22 -8.38 -13.24 35.76
N PHE E 23 -7.64 -13.17 34.63
CA PHE E 23 -7.62 -14.22 33.64
C PHE E 23 -6.19 -14.54 33.30
N LEU E 24 -5.86 -15.80 33.20
CA LEU E 24 -4.53 -16.23 32.81
C LEU E 24 -4.63 -16.60 31.33
N ASN E 25 -3.73 -16.07 30.51
CA ASN E 25 -3.80 -16.28 29.06
C ASN E 25 -2.57 -16.97 28.55
N CYS E 26 -2.74 -17.79 27.49
CA CYS E 26 -1.64 -18.35 26.73
C CYS E 26 -1.86 -18.04 25.26
N TYR E 27 -1.03 -17.15 24.71
CA TYR E 27 -1.16 -16.75 23.33
C TYR E 27 -0.11 -17.46 22.50
N VAL E 28 -0.57 -18.28 21.56
CA VAL E 28 0.33 -18.96 20.65
C VAL E 28 0.11 -18.35 19.27
N SER E 29 1.18 -18.01 18.59
CA SER E 29 1.09 -17.39 17.27
C SER E 29 2.25 -17.82 16.37
N GLY E 30 2.13 -17.56 15.06
CA GLY E 30 3.17 -17.81 14.10
C GLY E 30 3.38 -19.27 13.74
N PHE E 31 2.44 -20.14 14.09
CA PHE E 31 2.62 -21.56 13.82
C PHE E 31 1.94 -22.01 12.53
N HIS E 32 2.39 -23.16 12.03
CA HIS E 32 1.84 -23.81 10.84
C HIS E 32 2.50 -25.17 10.78
N PRO E 33 1.70 -26.28 10.77
CA PRO E 33 0.23 -26.36 10.67
C PRO E 33 -0.58 -25.94 11.93
N SER E 34 -1.92 -25.96 11.81
CA SER E 34 -2.89 -25.54 12.80
C SER E 34 -3.10 -26.45 13.97
N ASP E 35 -2.80 -27.76 13.83
CA ASP E 35 -2.97 -28.68 14.96
C ASP E 35 -1.98 -28.33 16.06
N ILE E 36 -2.49 -28.13 17.26
CA ILE E 36 -1.68 -27.70 18.40
C ILE E 36 -2.41 -28.09 19.68
N GLU E 37 -1.66 -28.39 20.73
CA GLU E 37 -2.22 -28.77 22.00
C GLU E 37 -1.68 -27.78 23.03
N VAL E 38 -2.58 -27.09 23.75
CA VAL E 38 -2.17 -26.08 24.72
C VAL E 38 -2.84 -26.40 26.04
N ASP E 39 -2.05 -26.44 27.10
CA ASP E 39 -2.59 -26.71 28.43
C ASP E 39 -2.15 -25.65 29.41
N LEU E 40 -3.09 -25.08 30.15
CA LEU E 40 -2.75 -24.12 31.20
C LEU E 40 -2.53 -24.92 32.51
N LEU E 41 -1.41 -24.67 33.21
CA LEU E 41 -1.04 -25.44 34.39
C LEU E 41 -1.05 -24.65 35.70
N LYS E 42 -1.52 -25.28 36.76
CA LYS E 42 -1.52 -24.73 38.11
C LYS E 42 -0.59 -25.66 38.88
N ASN E 43 0.60 -25.17 39.25
CA ASN E 43 1.60 -25.96 39.98
C ASN E 43 1.95 -27.26 39.24
N GLY E 44 2.02 -27.20 37.91
CA GLY E 44 2.34 -28.34 37.06
C GLY E 44 1.19 -29.27 36.72
N GLU E 45 -0.02 -28.93 37.17
CA GLU E 45 -1.24 -29.72 36.94
C GLU E 45 -2.19 -29.05 35.94
N ARG E 46 -2.74 -29.81 35.01
CA ARG E 46 -3.65 -29.32 33.97
C ARG E 46 -4.95 -28.70 34.49
N ILE E 47 -5.23 -27.41 34.17
CA ILE E 47 -6.48 -26.75 34.54
C ILE E 47 -7.58 -27.26 33.61
N GLU E 48 -8.71 -27.66 34.19
CA GLU E 48 -9.77 -28.32 33.44
C GLU E 48 -10.66 -27.44 32.57
N LYS E 49 -11.10 -26.27 33.07
CA LYS E 49 -12.03 -25.46 32.29
C LYS E 49 -11.37 -24.28 31.59
N VAL E 50 -10.45 -24.57 30.65
CA VAL E 50 -9.73 -23.57 29.88
C VAL E 50 -10.40 -23.42 28.51
N GLU E 51 -10.77 -22.19 28.15
CA GLU E 51 -11.39 -21.97 26.84
C GLU E 51 -10.38 -21.41 25.82
N HIS E 52 -10.72 -21.41 24.53
CA HIS E 52 -9.86 -20.87 23.50
C HIS E 52 -10.65 -20.14 22.41
N SER E 53 -10.00 -19.19 21.77
CA SER E 53 -10.58 -18.43 20.67
C SER E 53 -10.67 -19.29 19.39
N ASP E 54 -11.41 -18.81 18.40
CA ASP E 54 -11.61 -19.51 17.15
C ASP E 54 -10.39 -19.32 16.26
N LEU E 55 -9.93 -20.43 15.65
CA LEU E 55 -8.77 -20.46 14.79
C LEU E 55 -8.75 -19.43 13.67
N SER E 56 -7.75 -18.53 13.73
CA SER E 56 -7.58 -17.52 12.72
C SER E 56 -6.11 -17.43 12.27
N PHE E 57 -5.80 -16.58 11.28
CA PHE E 57 -4.43 -16.51 10.76
C PHE E 57 -4.02 -15.11 10.36
N SER E 58 -2.70 -14.85 10.29
CA SER E 58 -2.16 -13.54 9.92
C SER E 58 -1.94 -13.43 8.40
N LYS E 59 -1.51 -12.27 7.90
CA LYS E 59 -1.20 -11.97 6.50
C LYS E 59 -0.27 -12.99 5.88
N ASP E 60 0.65 -13.54 6.70
CA ASP E 60 1.61 -14.52 6.24
C ASP E 60 1.10 -15.98 6.31
N TRP E 61 -0.19 -16.20 6.68
CA TRP E 61 -0.89 -17.49 6.77
C TRP E 61 -0.66 -18.29 8.08
N SER E 62 0.22 -17.79 8.95
CA SER E 62 0.51 -18.48 10.20
C SER E 62 -0.64 -18.29 11.21
N PHE E 63 -0.90 -19.31 12.01
CA PHE E 63 -2.04 -19.33 12.91
C PHE E 63 -1.81 -18.67 14.23
N TYR E 64 -2.91 -18.35 14.92
CA TYR E 64 -2.84 -17.79 16.25
C TYR E 64 -4.07 -18.21 17.06
N LEU E 65 -3.86 -18.50 18.32
CA LEU E 65 -4.94 -18.92 19.23
C LEU E 65 -4.70 -18.32 20.59
N LEU E 66 -5.78 -18.05 21.33
CA LEU E 66 -5.67 -17.58 22.71
C LEU E 66 -6.38 -18.60 23.59
N TYR E 67 -5.68 -19.13 24.60
CA TYR E 67 -6.23 -20.05 25.59
C TYR E 67 -6.31 -19.25 26.89
N TYR E 68 -7.44 -19.34 27.58
CA TYR E 68 -7.65 -18.51 28.76
C TYR E 68 -8.56 -19.16 29.78
N THR E 69 -8.37 -18.78 31.04
CA THR E 69 -9.19 -19.24 32.16
C THR E 69 -9.27 -18.17 33.25
N GLU E 70 -10.43 -18.08 33.92
CA GLU E 70 -10.58 -17.16 35.05
C GLU E 70 -9.76 -17.71 36.21
N PHE E 71 -9.00 -16.86 36.90
CA PHE E 71 -8.17 -17.31 38.01
C PHE E 71 -7.96 -16.21 39.08
N THR E 72 -7.52 -16.59 40.29
CA THR E 72 -7.23 -15.62 41.35
C THR E 72 -5.79 -15.85 41.74
N PRO E 73 -4.86 -15.00 41.28
CA PRO E 73 -3.45 -15.23 41.58
C PRO E 73 -3.09 -15.13 43.06
N THR E 74 -2.10 -15.93 43.48
CA THR E 74 -1.55 -15.94 44.84
C THR E 74 0.00 -15.93 44.73
N GLU E 75 0.68 -15.63 45.85
CA GLU E 75 2.13 -15.62 45.89
C GLU E 75 2.69 -17.05 45.69
N LYS E 76 2.08 -18.04 46.35
CA LYS E 76 2.51 -19.43 46.30
C LYS E 76 2.25 -20.13 44.97
N ASP E 77 1.05 -19.94 44.39
CA ASP E 77 0.64 -20.60 43.14
C ASP E 77 1.45 -20.21 41.89
N GLU E 78 2.01 -21.23 41.22
CA GLU E 78 2.84 -21.10 40.02
C GLU E 78 2.01 -21.42 38.79
N TYR E 79 2.06 -20.54 37.77
CA TYR E 79 1.29 -20.79 36.55
C TYR E 79 2.19 -20.94 35.34
N ALA E 80 1.76 -21.74 34.35
CA ALA E 80 2.55 -22.03 33.14
C ALA E 80 1.67 -22.50 31.96
N CYS E 81 2.20 -22.42 30.74
CA CYS E 81 1.51 -22.87 29.55
C CYS E 81 2.34 -24.04 28.97
N ARG E 82 1.72 -25.20 28.68
CA ARG E 82 2.39 -26.37 28.09
C ARG E 82 1.90 -26.51 26.66
N VAL E 83 2.81 -26.39 25.69
CA VAL E 83 2.42 -26.44 24.28
C VAL E 83 3.03 -27.62 23.56
N ASN E 84 2.21 -28.30 22.75
CA ASN E 84 2.65 -29.39 21.92
C ASN E 84 2.29 -29.09 20.47
N HIS E 85 3.25 -29.27 19.54
CA HIS E 85 3.10 -29.01 18.11
C HIS E 85 4.02 -29.97 17.35
N VAL E 86 3.73 -30.23 16.06
CA VAL E 86 4.54 -31.10 15.19
C VAL E 86 6.03 -30.67 15.15
N THR E 87 6.29 -29.36 15.34
CA THR E 87 7.63 -28.80 15.31
C THR E 87 8.44 -29.08 16.59
N LEU E 88 7.76 -29.48 17.69
CA LEU E 88 8.40 -29.72 18.98
C LEU E 88 8.66 -31.21 19.26
N SER E 89 9.94 -31.56 19.52
CA SER E 89 10.35 -32.93 19.90
C SER E 89 9.74 -33.31 21.24
N GLN E 90 9.59 -32.33 22.14
CA GLN E 90 8.97 -32.49 23.45
C GLN E 90 7.99 -31.31 23.65
N PRO E 91 7.00 -31.44 24.57
CA PRO E 91 6.18 -30.26 24.92
C PRO E 91 7.08 -29.09 25.41
N LYS E 92 6.67 -27.85 25.12
CA LYS E 92 7.41 -26.66 25.53
C LYS E 92 6.65 -25.99 26.68
N ILE E 93 7.28 -25.85 27.86
CA ILE E 93 6.63 -25.25 29.01
C ILE E 93 7.16 -23.84 29.24
N VAL E 94 6.26 -22.86 29.18
CA VAL E 94 6.62 -21.46 29.38
C VAL E 94 5.98 -21.02 30.69
N LYS E 95 6.81 -20.55 31.65
CA LYS E 95 6.27 -20.16 32.95
C LYS E 95 5.74 -18.74 32.97
N TRP E 96 4.71 -18.51 33.79
CA TRP E 96 4.15 -17.18 33.94
C TRP E 96 5.03 -16.36 34.88
N ASP E 97 5.61 -15.31 34.34
CA ASP E 97 6.42 -14.39 35.10
C ASP E 97 5.57 -13.17 35.33
N ARG E 98 5.04 -13.01 36.56
CA ARG E 98 4.18 -11.87 36.87
C ARG E 98 4.93 -10.56 36.88
N ASP E 99 6.18 -10.57 37.35
CA ASP E 99 6.98 -9.35 37.36
C ASP E 99 7.83 -9.20 36.12
N MET E 100 7.20 -9.24 34.96
CA MET E 100 7.90 -9.06 33.69
C MET E 100 7.97 -7.57 33.34
N LYS F 1 -20.83 -9.60 5.98
CA LYS F 1 -21.62 -10.45 5.12
C LYS F 1 -20.75 -11.16 4.09
N LEU F 2 -20.87 -12.48 4.06
CA LEU F 2 -20.14 -13.39 3.21
C LEU F 2 -20.50 -13.15 1.75
N ASN F 3 -19.56 -13.41 0.84
CA ASN F 3 -19.78 -13.30 -0.59
C ASN F 3 -20.76 -14.41 -1.05
N ASP F 4 -21.95 -14.02 -1.55
CA ASP F 4 -22.97 -14.97 -2.01
C ASP F 4 -22.63 -15.49 -3.41
N LEU F 5 -21.62 -16.37 -3.49
CA LEU F 5 -21.15 -16.85 -4.78
C LEU F 5 -20.63 -18.28 -4.69
N CYS F 6 -20.90 -19.07 -5.73
CA CYS F 6 -20.40 -20.44 -5.84
C CYS F 6 -19.00 -20.29 -6.38
N PHE F 7 -17.98 -20.47 -5.54
CA PHE F 7 -16.60 -20.34 -5.98
C PHE F 7 -16.25 -21.44 -6.97
N THR F 8 -15.39 -21.12 -7.94
CA THR F 8 -14.95 -22.13 -8.89
C THR F 8 -13.75 -22.83 -8.24
N ASN F 9 -13.69 -24.15 -8.39
CA ASN F 9 -12.64 -24.94 -7.79
C ASN F 9 -11.25 -24.62 -8.38
N VAL F 10 -10.20 -24.93 -7.63
CA VAL F 10 -8.84 -24.66 -8.09
C VAL F 10 -8.45 -25.52 -9.31
#